data_6XE6
#
_entry.id   6XE6
#
_cell.length_a   1.00
_cell.length_b   1.00
_cell.length_c   1.00
_cell.angle_alpha   90.00
_cell.angle_beta   90.00
_cell.angle_gamma   90.00
#
_symmetry.space_group_name_H-M   'P 1'
#
loop_
_entity.id
_entity.type
_entity.pdbx_description
1 polymer 'Protein dispatched homolog 1'
2 non-polymer 'CHOLESTEROL HEMISUCCINATE'
3 non-polymer 2-acetamido-2-deoxy-beta-D-glucopyranose
#
_entity_poly.entity_id   1
_entity_poly.type   'polypeptide(L)'
_entity_poly.pdbx_seq_one_letter_code
;MAWSHPQFEKSRPFKLPKSYAALIADWPVVVLGMCTMFIVVCALVGVLVPELPDFSDPLLGFEPRGTAIGQRLVTWNNMV
KNTGYKATLANYPFKYADEQAKSHRDDRWSDDHYEREKREVDWNFHKDSFFCDVPSDRYSRVVFTSSGGETLWNLPAIKS
MCNVDNSRIRSHPQFGDLCQRTTAASCCPSWTLGNYIAILNNRSSCQKIVERDVSHTLKLLRTCAKHYQNGTLGPDCWDM
AARRKDQLKCTNVPRKCTKYNAVYQILHYLVDKDFMTPKTADYATPALKYSMLFSPTEKGESMMNIYLDNFENWNSSDGV
TTITGIEFGIKHSLFQDYLLMDTVYPAIAIVIVLLVMCVYTKSMFITLMTMFAIISSLIVSYFLYRVVFHFEFFPFMNLT
ALIILVGIGADDAFVLCDVWNYTKFDKPHAETSETVSITLQHAALSMFVTSFTTAAAFYANYVSNITAIRCFGVYAGTAI
LVNYVLMVTWLPAVVVLHERYLLNIFTCFKKPQQQIYDNKSCWTVACQKCHKVLFAISEASRIFFEKVLPCIVIKFRYLW
LFWFLALTVGGAYIVCINPKMKLPSLELSEFQVFRSSHPFERYDAEYKKLFMFERVHHGEELHMPITVIWGVSPEDNGNP
LNPKSKGKLTLDSSFNIASPASQAWILHFCQKLRNQTFFYQTDEQDFTSCFIETFKQWMENQDCDEPALYPCCSHWSFPY
KQEIFELCIKRAIMELERSTGYHLDSKTPGPRFDINDTIRAVVLEFQSTYLFTLAYEKMHQFYKEVDSWISSELSSAPEG
LSNGWFVSNLEFYDLQDSLSDGTLIAMGLSVAVAFSVMLLTTWNIIISLYAIISIAGTIFVTVGSLVLLGWELNVLESVT
ISVAVGLSVDFAVHYGVAYRLAPDPDREGKVIFSLSRVGSAMAMAALTTFVAGAMMMPSTVLAYTQLGTFMMLIMCISWA
FATFFFQCMCRCLGPQGTCGQIPLPKKLQCSAFSHALSTSPSDKGQSKTHTINAYHLDPRGPKSELEHEFYELEPLASHS
CTAPEKTTYEETHICSEFFNSQAKNLGMPVHAAYNSELSKSTESDAGSDYKDDDDK
;
_entity_poly.pdbx_strand_id   A
#
loop_
_chem_comp.id
_chem_comp.type
_chem_comp.name
_chem_comp.formula
NAG D-saccharide, beta linking 2-acetamido-2-deoxy-beta-D-glucopyranose 'C8 H15 N O6'
Y01 non-polymer 'CHOLESTEROL HEMISUCCINATE' 'C31 H50 O4'
#
# COMPACT_ATOMS: atom_id res chain seq x y z
N LYS A 18 -22.80 -3.16 39.81
CA LYS A 18 -22.13 -2.65 41.05
C LYS A 18 -20.82 -1.91 40.71
N SER A 19 -19.79 -2.68 40.36
CA SER A 19 -18.40 -2.20 40.28
C SER A 19 -18.25 -0.92 39.46
N TYR A 20 -18.67 -0.96 38.20
CA TYR A 20 -18.61 0.19 37.29
C TYR A 20 -19.35 1.41 37.88
N ALA A 21 -20.66 1.27 38.04
CA ALA A 21 -21.56 2.36 38.43
C ALA A 21 -21.23 2.98 39.79
N ALA A 22 -20.86 2.12 40.74
CA ALA A 22 -20.40 2.57 42.06
C ALA A 22 -19.17 3.45 41.95
N LEU A 23 -18.13 2.94 41.28
CA LEU A 23 -16.89 3.69 41.01
C LEU A 23 -17.14 5.00 40.24
N ILE A 24 -18.09 4.96 39.31
CA ILE A 24 -18.52 6.16 38.56
C ILE A 24 -19.09 7.21 39.52
N ALA A 25 -20.16 6.84 40.23
CA ALA A 25 -20.89 7.77 41.10
C ALA A 25 -20.12 8.20 42.36
N ASP A 26 -19.19 7.36 42.81
CA ASP A 26 -18.40 7.61 44.03
C ASP A 26 -17.42 8.77 43.83
N TRP A 27 -16.42 8.57 42.97
CA TRP A 27 -15.35 9.54 42.73
C TRP A 27 -15.09 9.72 41.22
N PRO A 28 -15.84 10.62 40.55
CA PRO A 28 -15.58 10.91 39.13
C PRO A 28 -14.28 11.66 38.83
N VAL A 29 -13.86 12.52 39.75
CA VAL A 29 -12.66 13.36 39.58
C VAL A 29 -11.39 12.50 39.73
N VAL A 30 -11.48 11.44 40.55
CA VAL A 30 -10.38 10.50 40.81
C VAL A 30 -10.12 9.60 39.58
N VAL A 31 -11.18 9.01 39.03
CA VAL A 31 -11.10 8.26 37.75
C VAL A 31 -10.62 9.18 36.61
N LEU A 32 -11.06 10.44 36.63
CA LEU A 32 -10.55 11.48 35.72
C LEU A 32 -9.03 11.65 35.90
N GLY A 33 -8.61 11.79 37.16
CA GLY A 33 -7.21 11.98 37.54
C GLY A 33 -6.28 10.82 37.17
N MET A 34 -6.65 9.61 37.58
CA MET A 34 -5.85 8.41 37.29
C MET A 34 -5.82 8.06 35.79
N CYS A 35 -6.84 8.50 35.05
CA CYS A 35 -6.86 8.40 33.59
C CYS A 35 -5.87 9.40 32.97
N THR A 36 -6.08 10.69 33.25
CA THR A 36 -5.20 11.74 32.70
C THR A 36 -3.73 11.52 33.09
N MET A 37 -3.49 11.06 34.32
CA MET A 37 -2.17 10.60 34.76
C MET A 37 -1.58 9.58 33.77
N PHE A 38 -2.38 8.57 33.43
CA PHE A 38 -1.96 7.52 32.48
C PHE A 38 -1.64 8.10 31.10
N ILE A 39 -2.44 9.07 30.66
CA ILE A 39 -2.25 9.73 29.35
C ILE A 39 -0.96 10.59 29.34
N VAL A 40 -0.77 11.40 30.39
CA VAL A 40 0.40 12.31 30.44
C VAL A 40 1.74 11.56 30.60
N VAL A 41 1.77 10.52 31.45
CA VAL A 41 2.96 9.68 31.60
C VAL A 41 3.25 8.91 30.30
N CYS A 42 2.19 8.41 29.64
CA CYS A 42 2.29 7.75 28.33
C CYS A 42 2.89 8.65 27.26
N ALA A 43 2.43 9.91 27.23
CA ALA A 43 2.97 10.92 26.32
C ALA A 43 4.46 11.19 26.58
N LEU A 44 4.81 11.42 27.85
CA LEU A 44 6.19 11.69 28.28
C LEU A 44 7.17 10.59 27.84
N VAL A 45 6.86 9.35 28.21
CA VAL A 45 7.64 8.17 27.78
C VAL A 45 7.57 7.97 26.26
N GLY A 46 6.41 8.27 25.67
CA GLY A 46 6.23 8.27 24.21
C GLY A 46 7.07 9.27 23.44
N VAL A 47 7.63 10.26 24.13
CA VAL A 47 8.64 11.19 23.61
C VAL A 47 10.08 10.78 23.98
N LEU A 48 10.27 10.27 25.20
CA LEU A 48 11.61 9.99 25.75
C LEU A 48 12.35 8.84 25.05
N VAL A 49 11.75 7.65 25.07
CA VAL A 49 12.43 6.41 24.64
C VAL A 49 12.64 6.23 23.11
N PRO A 50 11.61 6.56 22.28
CA PRO A 50 11.68 6.13 20.88
C PRO A 50 12.71 6.91 20.04
N GLU A 51 13.45 6.18 19.19
CA GLU A 51 14.59 6.72 18.45
C GLU A 51 14.20 7.20 17.04
N LEU A 52 13.42 8.29 17.01
CA LEU A 52 13.08 9.07 15.80
C LEU A 52 12.57 8.26 14.57
N PRO A 53 11.23 8.00 14.52
CA PRO A 53 10.69 7.24 13.38
C PRO A 53 10.89 7.97 12.05
N ASP A 54 11.68 7.37 11.15
CA ASP A 54 12.13 8.00 9.91
C ASP A 54 11.12 7.81 8.77
N PHE A 55 10.94 8.86 7.97
CA PHE A 55 10.03 8.86 6.81
C PHE A 55 10.80 9.19 5.52
N SER A 56 12.01 8.62 5.40
CA SER A 56 12.93 8.91 4.30
C SER A 56 12.47 8.26 2.98
N ASP A 57 12.29 6.94 3.02
CA ASP A 57 11.75 6.18 1.88
C ASP A 57 10.22 6.07 2.10
N PRO A 58 9.40 6.60 1.17
CA PRO A 58 7.93 6.52 1.35
C PRO A 58 7.41 5.08 1.45
N LEU A 59 7.88 4.24 0.54
CA LEU A 59 7.50 2.82 0.47
C LEU A 59 8.52 1.92 1.19
N LEU A 60 9.11 2.41 2.28
CA LEU A 60 10.21 1.74 2.98
C LEU A 60 9.85 0.31 3.36
N GLY A 61 10.69 -0.65 2.95
CA GLY A 61 10.49 -2.07 3.26
C GLY A 61 9.16 -2.61 2.77
N PHE A 62 9.02 -2.73 1.45
CA PHE A 62 7.86 -3.39 0.83
C PHE A 62 8.22 -4.80 0.31
N GLU A 63 9.46 -5.24 0.54
CA GLU A 63 9.90 -6.61 0.19
C GLU A 63 9.19 -7.63 1.10
N PRO A 64 8.33 -8.50 0.52
CA PRO A 64 7.64 -9.51 1.35
C PRO A 64 8.61 -10.54 1.92
N ARG A 65 8.59 -10.69 3.24
CA ARG A 65 9.51 -11.57 3.97
C ARG A 65 8.82 -12.86 4.42
N GLY A 66 9.63 -13.90 4.63
CA GLY A 66 9.14 -15.21 5.09
C GLY A 66 8.15 -15.89 4.18
N THR A 67 8.40 -15.81 2.87
CA THR A 67 7.50 -16.35 1.84
C THR A 67 8.30 -16.89 0.64
N ALA A 68 9.04 -17.98 0.90
CA ALA A 68 9.88 -18.65 -0.11
C ALA A 68 10.70 -17.64 -0.93
N ILE A 69 10.18 -17.19 -2.07
CA ILE A 69 10.87 -16.26 -2.98
C ILE A 69 11.59 -15.14 -2.25
N GLY A 70 10.89 -14.45 -1.35
CA GLY A 70 11.49 -13.40 -0.50
C GLY A 70 12.71 -13.87 0.26
N GLN A 71 12.56 -15.04 0.91
CA GLN A 71 13.65 -15.73 1.63
C GLN A 71 14.82 -16.08 0.69
N ARG A 72 14.49 -16.77 -0.40
CA ARG A 72 15.42 -17.23 -1.43
C ARG A 72 16.10 -16.05 -2.15
N LEU A 73 15.34 -14.98 -2.36
CA LEU A 73 15.84 -13.74 -2.95
C LEU A 73 16.79 -13.02 -2.00
N VAL A 74 16.31 -12.77 -0.77
CA VAL A 74 17.12 -12.08 0.26
C VAL A 74 18.40 -12.84 0.61
N THR A 75 18.39 -14.17 0.47
CA THR A 75 19.61 -15.00 0.57
C THR A 75 20.62 -14.65 -0.53
N TRP A 76 20.17 -14.73 -1.78
CA TRP A 76 20.99 -14.36 -2.95
C TRP A 76 21.31 -12.85 -2.98
N ASN A 77 20.43 -12.04 -2.39
CA ASN A 77 20.68 -10.61 -2.16
C ASN A 77 21.72 -10.43 -1.04
N ASN A 78 21.65 -11.26 -0.01
CA ASN A 78 22.64 -11.28 1.08
C ASN A 78 24.02 -11.67 0.51
N MET A 79 24.03 -12.65 -0.39
CA MET A 79 25.23 -13.03 -1.17
C MET A 79 25.90 -11.83 -1.87
N VAL A 80 25.10 -10.89 -2.37
CA VAL A 80 25.61 -9.70 -3.08
C VAL A 80 26.42 -8.79 -2.14
N LYS A 81 25.86 -8.48 -0.97
CA LYS A 81 26.49 -7.54 -0.01
C LYS A 81 27.72 -8.11 0.71
N ASN A 82 27.87 -9.43 0.68
CA ASN A 82 29.02 -10.13 1.31
C ASN A 82 30.16 -10.24 0.27
N THR A 83 30.85 -11.38 0.21
CA THR A 83 32.01 -11.63 -0.68
C THR A 83 33.21 -10.73 -0.28
N GLY A 84 33.49 -10.72 1.03
CA GLY A 84 34.49 -9.84 1.63
C GLY A 84 35.86 -10.52 1.70
N TYR A 85 36.57 -10.48 0.56
CA TYR A 85 37.90 -11.08 0.39
C TYR A 85 38.72 -10.27 -0.62
N LYS A 86 39.95 -10.70 -0.88
CA LYS A 86 40.84 -10.06 -1.87
C LYS A 86 40.60 -10.59 -3.28
N ALA A 87 40.65 -11.93 -3.40
CA ALA A 87 40.54 -12.63 -4.70
C ALA A 87 39.81 -13.98 -4.64
N THR A 88 40.12 -14.79 -3.62
CA THR A 88 39.73 -16.21 -3.50
C THR A 88 40.53 -17.08 -4.49
N LEU A 89 41.73 -16.62 -4.81
CA LEU A 89 42.70 -17.33 -5.65
C LEU A 89 44.12 -16.87 -5.28
N ALA A 90 44.38 -16.82 -3.96
CA ALA A 90 45.62 -16.28 -3.39
C ALA A 90 46.82 -17.14 -3.74
N ASN A 91 46.68 -18.45 -3.51
CA ASN A 91 47.67 -19.48 -3.89
C ASN A 91 49.02 -19.27 -3.21
N VAL A 134 26.55 14.84 -24.17
CA VAL A 134 25.54 13.88 -24.65
C VAL A 134 24.27 13.96 -23.80
N PRO A 135 23.12 13.49 -24.35
CA PRO A 135 21.91 13.38 -23.53
C PRO A 135 21.98 12.18 -22.58
N SER A 136 22.58 12.40 -21.41
CA SER A 136 22.72 11.33 -20.41
C SER A 136 21.35 11.00 -19.79
N ASP A 137 21.12 9.71 -19.54
CA ASP A 137 19.86 9.20 -18.96
C ASP A 137 19.59 9.76 -17.56
N ARG A 138 20.65 10.09 -16.82
CA ARG A 138 20.58 10.54 -15.43
C ARG A 138 20.41 12.06 -15.22
N TYR A 139 20.40 12.84 -16.32
CA TYR A 139 20.50 14.32 -16.28
C TYR A 139 19.30 15.11 -15.73
N SER A 140 18.14 14.97 -16.39
CA SER A 140 16.86 15.68 -16.06
C SER A 140 16.05 15.93 -17.34
N ARG A 141 14.79 16.34 -17.13
CA ARG A 141 13.84 16.73 -18.21
C ARG A 141 12.54 17.25 -17.61
N VAL A 142 11.78 18.01 -18.40
CA VAL A 142 10.46 18.53 -18.01
C VAL A 142 9.40 17.53 -18.51
N VAL A 143 9.06 17.62 -19.79
CA VAL A 143 8.27 16.61 -20.52
C VAL A 143 6.87 16.38 -19.93
N PHE A 144 6.17 17.47 -19.62
CA PHE A 144 4.81 17.40 -19.09
C PHE A 144 4.14 18.77 -19.14
N LEU A 152 2.04 15.10 -25.71
CA LEU A 152 1.87 16.53 -25.90
C LEU A 152 3.12 17.18 -26.51
N TRP A 153 3.29 16.96 -27.82
CA TRP A 153 4.44 17.45 -28.58
C TRP A 153 4.00 18.07 -29.93
N ASN A 154 4.03 19.41 -29.98
CA ASN A 154 3.83 20.18 -31.21
C ASN A 154 5.03 21.11 -31.42
N LEU A 155 5.25 21.51 -32.68
CA LEU A 155 6.39 22.34 -33.08
C LEU A 155 5.96 23.72 -33.64
N PRO A 156 5.32 24.57 -32.80
CA PRO A 156 5.33 26.01 -32.99
C PRO A 156 6.16 26.65 -31.86
N ALA A 157 7.38 26.16 -31.68
CA ALA A 157 8.30 26.68 -30.66
C ALA A 157 9.10 27.86 -31.24
N ILE A 158 8.37 28.93 -31.54
CA ILE A 158 8.93 30.13 -32.17
C ILE A 158 9.58 30.99 -31.08
N LYS A 159 8.88 31.13 -29.95
CA LYS A 159 9.38 31.84 -28.75
C LYS A 159 9.51 30.96 -27.48
N SER A 160 8.77 29.84 -27.43
CA SER A 160 8.56 29.08 -26.19
C SER A 160 9.81 28.41 -25.65
N MET A 161 10.53 27.71 -26.52
CA MET A 161 11.74 26.93 -26.17
C MET A 161 12.72 27.56 -25.17
N CYS A 162 13.16 28.78 -25.45
CA CYS A 162 14.18 29.45 -24.64
C CYS A 162 13.56 30.32 -23.55
N ASN A 163 12.32 30.74 -23.76
CA ASN A 163 11.46 31.23 -22.66
C ASN A 163 11.37 30.21 -21.50
N VAL A 164 11.49 28.91 -21.81
CA VAL A 164 11.67 27.87 -20.78
C VAL A 164 13.11 27.88 -20.25
N ASP A 165 14.09 28.13 -21.12
CA ASP A 165 15.52 28.16 -20.73
C ASP A 165 15.84 29.25 -19.72
N ASN A 166 15.51 30.51 -20.05
CA ASN A 166 15.76 31.64 -19.13
C ASN A 166 14.80 31.61 -17.91
N SER A 167 15.04 30.64 -17.03
CA SER A 167 14.14 30.29 -15.92
C SER A 167 14.96 29.98 -14.66
N ARG A 168 14.33 29.33 -13.67
CA ARG A 168 14.97 29.02 -12.38
C ARG A 168 15.81 27.73 -12.46
N ILE A 169 16.86 27.79 -13.29
CA ILE A 169 17.88 26.73 -13.41
C ILE A 169 19.31 27.31 -13.34
N ARG A 170 19.42 28.55 -12.86
CA ARG A 170 20.66 29.33 -12.85
C ARG A 170 21.02 29.96 -11.48
N SER A 171 20.10 29.91 -10.52
CA SER A 171 20.33 30.43 -9.16
C SER A 171 21.51 29.72 -8.48
N HIS A 172 21.52 28.40 -8.59
CA HIS A 172 22.65 27.55 -8.22
C HIS A 172 23.13 26.80 -9.47
N PRO A 173 24.29 27.21 -10.06
CA PRO A 173 24.76 26.60 -11.31
C PRO A 173 25.03 25.08 -11.20
N GLN A 174 25.98 24.70 -10.35
CA GLN A 174 26.41 23.30 -10.18
C GLN A 174 26.75 22.66 -11.53
N PHE A 175 27.79 23.21 -12.17
CA PHE A 175 28.21 22.81 -13.52
C PHE A 175 28.71 21.37 -13.56
N GLY A 176 28.21 20.60 -14.53
CA GLY A 176 28.48 19.16 -14.67
C GLY A 176 28.66 18.75 -16.13
N ASP A 177 29.45 17.69 -16.34
CA ASP A 177 29.75 17.13 -17.68
C ASP A 177 30.40 18.15 -18.61
N CYS A 187 29.87 27.38 -17.94
CA CYS A 187 28.44 27.08 -18.07
C CYS A 187 28.13 26.37 -19.39
N CYS A 188 27.97 25.04 -19.33
CA CYS A 188 27.63 24.23 -20.50
C CYS A 188 26.21 24.56 -20.99
N PRO A 189 26.01 24.71 -22.32
CA PRO A 189 24.70 25.12 -22.83
C PRO A 189 23.68 23.98 -22.77
N SER A 190 22.96 23.90 -21.65
CA SER A 190 22.07 22.79 -21.33
C SER A 190 20.61 23.09 -21.70
N TRP A 191 20.34 23.01 -23.00
CA TRP A 191 19.00 23.16 -23.57
C TRP A 191 18.50 21.81 -24.08
N THR A 192 19.29 21.20 -24.98
CA THR A 192 19.01 19.89 -25.59
C THR A 192 17.86 19.86 -26.62
N LEU A 193 17.03 20.91 -26.65
CA LEU A 193 16.06 21.15 -27.71
C LEU A 193 16.33 22.47 -28.44
N GLY A 194 16.49 23.56 -27.68
CA GLY A 194 16.57 24.91 -28.25
C GLY A 194 17.88 25.23 -28.94
N ASN A 195 18.97 25.11 -28.19
CA ASN A 195 20.33 25.22 -28.73
C ASN A 195 20.67 24.07 -29.69
N TYR A 196 20.01 22.93 -29.49
CA TYR A 196 20.15 21.75 -30.35
C TYR A 196 19.53 21.96 -31.74
N ILE A 197 18.27 22.45 -31.76
CA ILE A 197 17.59 22.83 -33.02
C ILE A 197 18.40 23.88 -33.76
N ALA A 198 18.89 24.88 -33.02
CA ALA A 198 19.77 25.92 -33.54
C ALA A 198 21.23 25.44 -33.62
N ILE A 199 21.45 24.43 -34.46
CA ILE A 199 22.78 23.87 -34.78
C ILE A 199 23.39 24.60 -36.01
N LEU A 200 22.58 25.44 -36.66
CA LEU A 200 22.94 26.05 -37.94
C LEU A 200 24.00 27.15 -37.81
N ASN A 201 23.71 28.14 -36.96
CA ASN A 201 24.56 29.32 -36.80
C ASN A 201 24.28 30.04 -35.48
N ASN A 202 25.03 31.11 -35.21
CA ASN A 202 24.90 32.00 -34.02
C ASN A 202 25.62 31.46 -32.78
N ARG A 203 25.69 30.14 -32.66
CA ARG A 203 26.64 29.40 -31.78
C ARG A 203 26.19 29.17 -30.34
N SER A 204 25.45 30.12 -29.77
CA SER A 204 25.08 30.10 -28.35
C SER A 204 23.57 30.31 -28.12
N SER A 205 23.07 31.45 -28.55
CA SER A 205 21.72 31.93 -28.18
C SER A 205 20.57 31.22 -28.90
N CYS A 206 19.36 31.49 -28.41
CA CYS A 206 18.11 31.03 -29.02
C CYS A 206 17.72 32.00 -30.13
N GLN A 207 17.59 31.50 -31.36
CA GLN A 207 17.47 32.35 -32.55
C GLN A 207 16.30 31.89 -33.43
N LYS A 208 15.51 32.86 -33.90
CA LYS A 208 14.25 32.61 -34.62
C LYS A 208 14.39 32.85 -36.13
N ILE A 209 15.38 32.18 -36.73
CA ILE A 209 15.59 32.22 -38.19
C ILE A 209 14.50 31.32 -38.81
N VAL A 210 13.38 31.97 -39.18
CA VAL A 210 12.11 31.28 -39.47
C VAL A 210 12.17 30.30 -40.64
N GLU A 211 12.69 30.76 -41.78
CA GLU A 211 12.74 29.96 -43.01
C GLU A 211 13.72 28.77 -42.94
N ARG A 212 14.87 29.00 -42.30
CA ARG A 212 15.88 27.95 -42.12
C ARG A 212 15.49 26.96 -41.02
N ASP A 213 14.84 27.46 -39.96
CA ASP A 213 14.31 26.60 -38.88
C ASP A 213 13.26 25.61 -39.42
N VAL A 214 12.21 26.16 -40.02
CA VAL A 214 11.09 25.38 -40.57
C VAL A 214 11.57 24.35 -41.61
N SER A 215 12.40 24.81 -42.55
CA SER A 215 12.90 23.97 -43.65
C SER A 215 13.78 22.81 -43.16
N HIS A 216 14.67 23.11 -42.21
CA HIS A 216 15.51 22.07 -41.57
C HIS A 216 14.65 21.11 -40.76
N THR A 217 13.82 21.65 -39.86
CA THR A 217 12.94 20.83 -39.02
C THR A 217 12.06 19.88 -39.86
N LEU A 218 11.26 20.45 -40.76
CA LEU A 218 10.35 19.66 -41.61
C LEU A 218 11.08 18.62 -42.48
N LYS A 219 12.28 18.99 -42.97
CA LYS A 219 13.10 18.07 -43.77
C LYS A 219 13.61 16.92 -42.89
N LEU A 220 14.37 17.26 -41.85
CA LEU A 220 14.99 16.27 -40.95
C LEU A 220 13.97 15.40 -40.18
N LEU A 221 12.78 15.93 -39.94
CA LEU A 221 11.67 15.15 -39.39
C LEU A 221 11.09 14.14 -40.40
N ARG A 222 11.13 14.49 -41.69
CA ARG A 222 10.59 13.65 -42.78
C ARG A 222 11.65 12.84 -43.55
N THR A 223 12.93 12.97 -43.18
CA THR A 223 14.04 12.26 -43.85
C THR A 223 13.96 10.75 -43.62
N CYS A 224 14.14 10.33 -42.37
CA CYS A 224 14.12 8.91 -41.98
C CYS A 224 13.93 8.77 -40.47
N ALA A 225 13.02 7.88 -40.07
CA ALA A 225 12.64 7.65 -38.67
C ALA A 225 12.91 6.22 -38.19
N LYS A 226 12.39 5.25 -38.93
CA LYS A 226 12.21 3.85 -38.47
C LYS A 226 13.24 2.83 -38.98
N HIS A 227 13.75 3.04 -40.21
CA HIS A 227 14.65 2.09 -40.88
C HIS A 227 16.11 2.37 -40.48
N TYR A 228 16.55 1.71 -39.41
CA TYR A 228 17.89 1.90 -38.81
C TYR A 228 18.71 0.61 -38.91
N PRO A 254 26.47 4.04 -41.54
CA PRO A 254 27.46 4.77 -42.36
C PRO A 254 27.26 4.50 -43.87
N ARG A 255 26.01 4.51 -44.31
CA ARG A 255 25.62 4.39 -45.73
C ARG A 255 24.91 5.63 -46.28
N LYS A 256 24.38 6.49 -45.39
CA LYS A 256 23.70 7.73 -45.75
C LYS A 256 24.19 8.87 -44.84
N CYS A 257 24.89 9.84 -45.43
CA CYS A 257 25.57 10.93 -44.69
C CYS A 257 25.09 12.33 -45.14
N THR A 258 23.98 12.75 -44.55
CA THR A 258 23.41 14.11 -44.73
C THR A 258 23.44 14.95 -43.42
N LYS A 259 23.23 14.27 -42.28
CA LYS A 259 23.33 14.85 -40.92
C LYS A 259 24.65 15.55 -40.58
N TYR A 260 24.63 16.27 -39.45
CA TYR A 260 25.84 16.64 -38.70
C TYR A 260 26.14 15.54 -37.68
N ASN A 261 27.17 15.73 -36.85
CA ASN A 261 27.66 14.67 -35.94
C ASN A 261 26.62 14.28 -34.87
N ALA A 262 26.16 13.02 -34.95
CA ALA A 262 25.34 12.35 -33.90
C ALA A 262 23.89 12.83 -33.76
N VAL A 263 23.35 13.47 -34.81
CA VAL A 263 22.10 14.25 -34.73
C VAL A 263 20.84 13.39 -34.51
N TYR A 264 20.61 12.42 -35.40
CA TYR A 264 19.31 11.72 -35.51
C TYR A 264 18.80 11.08 -34.21
N GLN A 265 19.63 10.23 -33.60
CA GLN A 265 19.30 9.56 -32.33
C GLN A 265 18.94 10.56 -31.23
N ILE A 266 19.78 11.59 -31.08
CA ILE A 266 19.58 12.65 -30.07
C ILE A 266 18.31 13.46 -30.34
N LEU A 267 18.06 13.75 -31.62
CA LEU A 267 16.80 14.39 -32.05
C LEU A 267 15.60 13.58 -31.55
N HIS A 268 15.62 12.28 -31.85
CA HIS A 268 14.49 11.38 -31.55
C HIS A 268 14.51 10.78 -30.12
N TYR A 269 15.36 11.31 -29.25
CA TYR A 269 15.48 10.88 -27.84
C TYR A 269 14.91 11.88 -26.81
N LEU A 270 14.69 13.13 -27.21
CA LEU A 270 14.05 14.13 -26.35
C LEU A 270 12.55 14.25 -26.63
N VAL A 271 12.21 14.58 -27.88
CA VAL A 271 10.80 14.74 -28.32
C VAL A 271 10.06 13.39 -28.29
N ASP A 272 8.73 13.45 -28.27
CA ASP A 272 7.90 12.24 -28.14
C ASP A 272 7.99 11.34 -29.38
N LYS A 273 8.10 10.04 -29.14
CA LYS A 273 8.41 9.05 -30.20
C LYS A 273 7.30 8.88 -31.23
N ASP A 274 6.06 9.10 -30.81
CA ASP A 274 4.89 9.00 -31.70
C ASP A 274 4.84 10.13 -32.75
N PHE A 275 5.72 10.02 -33.74
CA PHE A 275 5.80 10.91 -34.91
C PHE A 275 5.92 10.12 -36.24
N MET A 276 5.54 8.84 -36.23
CA MET A 276 5.66 7.96 -37.41
C MET A 276 4.40 8.04 -38.27
N THR A 277 4.14 9.23 -38.80
CA THR A 277 2.96 9.54 -39.62
C THR A 277 3.29 9.99 -41.05
N PRO A 278 4.48 10.58 -41.25
CA PRO A 278 4.90 11.19 -42.52
C PRO A 278 3.96 12.33 -42.94
N LYS A 279 3.67 13.21 -41.97
CA LYS A 279 2.73 14.33 -42.13
C LYS A 279 3.16 15.55 -41.31
N THR A 280 2.48 16.68 -41.53
CA THR A 280 2.79 17.94 -40.85
C THR A 280 2.20 17.98 -39.45
N PRO A 286 -3.34 23.48 -30.93
CA PRO A 286 -3.22 23.31 -29.49
C PRO A 286 -2.01 24.05 -28.92
N ALA A 287 -2.14 24.55 -27.69
CA ALA A 287 -1.08 25.32 -27.01
C ALA A 287 -1.27 25.25 -25.48
N LEU A 288 -0.31 24.64 -24.80
CA LEU A 288 -0.30 24.48 -23.33
C LEU A 288 0.89 25.13 -22.61
N LYS A 289 1.95 25.47 -23.36
CA LYS A 289 3.23 25.95 -22.80
C LYS A 289 3.84 24.93 -21.83
N TYR A 290 3.98 23.69 -22.32
CA TYR A 290 4.47 22.56 -21.53
C TYR A 290 4.96 21.44 -22.48
N SER A 291 6.27 21.17 -22.45
CA SER A 291 6.94 20.27 -23.40
C SER A 291 8.16 19.59 -22.77
N MET A 292 9.00 18.95 -23.59
CA MET A 292 10.19 18.19 -23.14
C MET A 292 11.48 18.91 -23.55
N LEU A 293 12.16 19.51 -22.57
CA LEU A 293 13.28 20.42 -22.81
C LEU A 293 14.51 20.16 -21.89
N PHE A 294 14.33 20.45 -20.60
CA PHE A 294 15.43 20.74 -19.63
C PHE A 294 16.83 20.12 -19.83
N SER A 295 16.91 18.78 -19.74
CA SER A 295 18.19 18.06 -19.79
C SER A 295 19.31 18.76 -19.00
N PRO A 296 18.94 19.30 -17.84
CA PRO A 296 19.79 20.14 -16.99
C PRO A 296 20.81 19.30 -16.20
N THR A 297 21.50 19.91 -15.24
CA THR A 297 22.42 19.22 -14.32
C THR A 297 21.77 17.98 -13.66
N GLU A 298 22.59 16.96 -13.39
CA GLU A 298 22.13 15.64 -12.91
C GLU A 298 21.27 15.69 -11.64
N LYS A 299 20.39 14.69 -11.49
CA LYS A 299 19.47 14.61 -10.34
C LYS A 299 20.18 14.11 -9.08
N GLY A 300 19.48 14.25 -7.95
CA GLY A 300 20.05 13.94 -6.63
C GLY A 300 19.34 14.75 -5.54
N GLU A 301 20.14 15.35 -4.64
CA GLU A 301 19.62 16.14 -3.51
C GLU A 301 19.65 17.65 -3.81
N SER A 302 20.75 18.14 -4.40
CA SER A 302 20.85 19.54 -4.84
C SER A 302 19.67 19.99 -5.72
N MET A 303 19.19 19.10 -6.58
CA MET A 303 17.99 19.34 -7.40
C MET A 303 16.74 19.59 -6.54
N MET A 304 16.65 18.91 -5.38
CA MET A 304 15.60 19.17 -4.38
C MET A 304 15.73 20.62 -3.90
N ASN A 305 16.93 20.99 -3.45
CA ASN A 305 17.23 22.34 -2.94
C ASN A 305 16.77 23.44 -3.88
N ILE A 306 17.07 23.30 -5.17
CA ILE A 306 16.66 24.30 -6.17
C ILE A 306 15.14 24.24 -6.42
N TYR A 307 14.58 23.04 -6.49
CA TYR A 307 13.13 22.86 -6.68
C TYR A 307 12.35 23.54 -5.56
N LEU A 308 12.59 23.10 -4.33
CA LEU A 308 11.89 23.64 -3.14
C LEU A 308 11.98 25.17 -3.05
N ASP A 309 13.19 25.69 -3.22
CA ASP A 309 13.44 27.13 -3.19
C ASP A 309 12.80 27.89 -4.37
N ASN A 310 12.73 27.26 -5.55
CA ASN A 310 12.31 27.95 -6.79
C ASN A 310 11.06 27.35 -7.49
N PHE A 311 10.17 26.71 -6.72
CA PHE A 311 8.93 26.12 -7.27
C PHE A 311 7.80 26.10 -6.22
N GLU A 312 6.64 25.55 -6.60
CA GLU A 312 5.39 25.55 -5.82
C GLU A 312 4.71 26.91 -5.87
N ASN A 313 4.69 27.49 -7.09
CA ASN A 313 4.07 28.78 -7.39
C ASN A 313 3.18 28.72 -8.65
N TRP A 314 2.77 27.53 -9.06
CA TRP A 314 1.97 27.29 -10.27
C TRP A 314 2.59 27.91 -11.53
N ASN A 315 3.90 27.67 -11.70
CA ASN A 315 4.66 28.22 -12.82
C ASN A 315 4.46 27.39 -14.08
N THR A 324 4.18 23.36 -17.31
CA THR A 324 5.39 22.59 -17.58
C THR A 324 5.87 21.84 -16.33
N GLY A 325 5.33 20.63 -16.16
CA GLY A 325 5.59 19.78 -14.99
C GLY A 325 6.89 18.98 -15.13
N ILE A 326 7.42 18.53 -13.99
CA ILE A 326 8.82 18.09 -13.87
C ILE A 326 9.01 16.61 -13.53
N GLU A 327 10.18 16.08 -13.92
CA GLU A 327 10.73 14.84 -13.38
C GLU A 327 12.23 14.97 -13.23
N PHE A 328 12.67 14.99 -11.97
CA PHE A 328 14.09 14.82 -11.66
C PHE A 328 14.29 14.20 -10.26
N GLY A 329 13.46 13.20 -9.97
CA GLY A 329 13.63 12.26 -8.85
C GLY A 329 13.79 12.90 -7.47
N ILE A 330 12.85 13.79 -7.13
CA ILE A 330 12.71 14.38 -5.80
C ILE A 330 11.48 13.79 -5.08
N LYS A 331 10.82 12.80 -5.71
CA LYS A 331 9.60 12.20 -5.16
C LYS A 331 9.76 11.72 -3.72
N HIS A 332 10.86 11.02 -3.47
CA HIS A 332 11.11 10.36 -2.18
C HIS A 332 11.51 11.31 -1.04
N SER A 333 11.88 12.55 -1.38
CA SER A 333 12.24 13.58 -0.40
C SER A 333 11.15 14.65 -0.26
N LEU A 334 10.64 15.14 -1.39
CA LEU A 334 9.52 16.10 -1.46
C LEU A 334 8.25 15.58 -0.76
N PHE A 335 7.97 14.28 -0.93
CA PHE A 335 6.94 13.56 -0.17
C PHE A 335 7.03 13.83 1.33
N GLN A 336 8.23 13.62 1.87
CA GLN A 336 8.52 13.79 3.31
C GLN A 336 8.34 15.24 3.78
N ASP A 337 8.73 16.20 2.94
CA ASP A 337 8.51 17.63 3.22
C ASP A 337 7.04 18.04 3.10
N TYR A 338 6.32 17.39 2.16
CA TYR A 338 4.90 17.67 1.90
C TYR A 338 3.95 17.20 3.01
N LEU A 339 4.48 16.42 3.96
CA LEU A 339 3.74 16.03 5.16
C LEU A 339 3.33 17.18 6.09
N LEU A 340 3.93 18.36 5.92
CA LEU A 340 3.51 19.57 6.66
C LEU A 340 2.10 20.02 6.26
N MET A 341 1.91 20.33 4.99
CA MET A 341 0.57 20.68 4.45
C MET A 341 -0.39 19.49 4.44
N ASP A 342 0.17 18.27 4.47
CA ASP A 342 -0.62 17.06 4.73
C ASP A 342 -1.16 17.04 6.16
N THR A 343 -0.28 17.33 7.13
CA THR A 343 -0.64 17.49 8.56
C THR A 343 -1.63 18.62 8.83
N VAL A 344 -1.54 19.68 8.02
CA VAL A 344 -2.43 20.85 8.13
C VAL A 344 -3.91 20.48 8.00
N TYR A 345 -4.26 19.74 6.95
CA TYR A 345 -5.66 19.43 6.61
C TYR A 345 -6.48 18.72 7.71
N PRO A 346 -5.93 17.65 8.32
CA PRO A 346 -6.61 16.94 9.42
C PRO A 346 -6.96 17.81 10.64
N ALA A 347 -6.20 18.87 10.88
CA ALA A 347 -6.52 19.86 11.91
C ALA A 347 -7.88 20.52 11.66
N ILE A 348 -8.16 20.83 10.39
CA ILE A 348 -9.46 21.37 9.97
C ILE A 348 -10.52 20.26 10.09
N ALA A 349 -10.17 19.04 9.67
CA ALA A 349 -11.06 17.87 9.79
C ALA A 349 -11.52 17.60 11.23
N ILE A 350 -10.59 17.65 12.18
CA ILE A 350 -10.88 17.34 13.60
C ILE A 350 -11.68 18.44 14.32
N VAL A 351 -11.41 19.71 14.02
CA VAL A 351 -12.18 20.83 14.61
C VAL A 351 -13.63 20.89 14.08
N ILE A 352 -13.81 20.58 12.80
CA ILE A 352 -15.14 20.58 12.16
C ILE A 352 -15.99 19.39 12.65
N VAL A 353 -15.39 18.21 12.80
CA VAL A 353 -16.10 17.03 13.36
C VAL A 353 -16.48 17.26 14.84
N LEU A 354 -15.60 17.92 15.59
CA LEU A 354 -15.89 18.39 16.95
C LEU A 354 -17.07 19.38 16.96
N LEU A 355 -17.01 20.34 16.05
CA LEU A 355 -18.03 21.39 15.92
C LEU A 355 -19.43 20.83 15.64
N VAL A 356 -19.55 19.97 14.63
CA VAL A 356 -20.83 19.33 14.29
C VAL A 356 -21.33 18.36 15.38
N MET A 357 -20.39 17.72 16.08
CA MET A 357 -20.70 16.95 17.29
C MET A 357 -21.28 17.85 18.39
N CYS A 358 -20.69 19.04 18.55
CA CYS A 358 -21.20 20.07 19.49
C CYS A 358 -22.59 20.59 19.13
N VAL A 359 -22.86 20.73 17.84
CA VAL A 359 -24.20 21.12 17.32
C VAL A 359 -25.29 20.12 17.77
N TYR A 360 -25.00 18.83 17.67
CA TYR A 360 -25.96 17.77 18.00
C TYR A 360 -26.23 17.63 19.49
N THR A 361 -25.19 17.28 20.25
CA THR A 361 -25.35 16.78 21.62
C THR A 361 -25.59 17.85 22.68
N LYS A 362 -25.51 19.13 22.29
CA LYS A 362 -25.95 20.28 23.10
C LYS A 362 -25.04 20.60 24.31
N SER A 363 -23.82 20.05 24.30
CA SER A 363 -22.84 20.26 25.36
C SER A 363 -21.42 20.34 24.77
N MET A 364 -20.80 21.51 24.88
CA MET A 364 -19.45 21.77 24.34
C MET A 364 -18.36 21.00 25.10
N PHE A 365 -18.52 20.89 26.42
CA PHE A 365 -17.58 20.17 27.28
C PHE A 365 -17.43 18.69 26.91
N ILE A 366 -18.57 18.02 26.75
CA ILE A 366 -18.62 16.59 26.35
C ILE A 366 -17.82 16.37 25.06
N THR A 367 -18.08 17.21 24.07
CA THR A 367 -17.52 17.07 22.72
C THR A 367 -16.02 17.36 22.64
N LEU A 368 -15.57 18.38 23.37
CA LEU A 368 -14.14 18.65 23.58
C LEU A 368 -13.45 17.44 24.22
N MET A 369 -14.11 16.87 25.23
CA MET A 369 -13.56 15.73 25.99
C MET A 369 -13.50 14.45 25.16
N THR A 370 -14.55 14.19 24.38
CA THR A 370 -14.56 13.05 23.45
C THR A 370 -13.50 13.19 22.35
N MET A 371 -13.27 14.41 21.88
CA MET A 371 -12.20 14.71 20.90
C MET A 371 -10.82 14.44 21.50
N PHE A 372 -10.56 15.04 22.67
CA PHE A 372 -9.30 14.85 23.41
C PHE A 372 -9.09 13.36 23.77
N ALA A 373 -10.19 12.66 24.07
CA ALA A 373 -10.18 11.21 24.28
C ALA A 373 -9.69 10.43 23.05
N ILE A 374 -10.16 10.81 21.85
CA ILE A 374 -9.72 10.19 20.59
C ILE A 374 -8.23 10.40 20.33
N ILE A 375 -7.74 11.63 20.53
CA ILE A 375 -6.33 11.96 20.29
C ILE A 375 -5.45 11.30 21.35
N SER A 376 -5.90 11.31 22.61
CA SER A 376 -5.24 10.56 23.69
C SER A 376 -5.18 9.05 23.37
N SER A 377 -6.29 8.51 22.84
CA SER A 377 -6.38 7.10 22.42
C SER A 377 -5.36 6.72 21.33
N LEU A 378 -5.09 7.65 20.40
CA LEU A 378 -4.10 7.45 19.34
C LEU A 378 -2.66 7.43 19.87
N ILE A 379 -2.35 8.39 20.75
CA ILE A 379 -0.99 8.51 21.32
C ILE A 379 -0.69 7.42 22.37
N VAL A 380 -1.70 7.01 23.15
CA VAL A 380 -1.52 5.86 24.06
C VAL A 380 -1.34 4.55 23.28
N SER A 381 -2.02 4.45 22.14
CA SER A 381 -1.81 3.35 21.19
C SER A 381 -0.38 3.32 20.66
N TYR A 382 0.16 4.49 20.31
CA TYR A 382 1.54 4.63 19.80
C TYR A 382 2.58 4.27 20.85
N PHE A 383 2.33 4.65 22.11
CA PHE A 383 3.17 4.27 23.25
C PHE A 383 3.16 2.74 23.42
N LEU A 384 1.96 2.20 23.62
CA LEU A 384 1.76 0.74 23.79
C LEU A 384 2.32 -0.07 22.62
N TYR A 385 2.25 0.51 21.42
CA TYR A 385 2.82 -0.06 20.19
C TYR A 385 4.35 -0.20 20.27
N ARG A 386 5.03 0.94 20.44
CA ARG A 386 6.50 1.00 20.32
C ARG A 386 7.22 0.36 21.52
N VAL A 387 6.68 0.56 22.72
CA VAL A 387 7.35 0.18 23.97
C VAL A 387 7.33 -1.35 24.22
N VAL A 388 6.17 -1.98 24.02
CA VAL A 388 5.97 -3.42 24.33
C VAL A 388 6.17 -4.25 23.06
N PHE A 389 5.35 -4.00 22.05
CA PHE A 389 5.45 -4.68 20.75
C PHE A 389 6.63 -4.10 19.96
N HIS A 390 7.83 -4.58 20.30
CA HIS A 390 9.08 -4.05 19.76
C HIS A 390 8.98 -4.13 18.23
N PHE A 391 8.63 -2.97 17.64
CA PHE A 391 8.65 -2.74 16.19
C PHE A 391 9.38 -1.40 15.95
N GLU A 392 10.68 -1.49 15.64
CA GLU A 392 11.53 -0.32 15.34
C GLU A 392 11.07 0.45 14.09
N PHE A 393 10.45 -0.26 13.15
CA PHE A 393 9.90 0.33 11.92
C PHE A 393 8.61 1.12 12.17
N PHE A 394 8.40 2.16 11.36
CA PHE A 394 7.18 2.98 11.39
C PHE A 394 6.89 3.58 9.99
N PRO A 395 6.01 2.94 9.18
CA PRO A 395 5.67 3.50 7.87
C PRO A 395 4.69 4.69 7.96
N PHE A 396 4.35 5.26 6.80
CA PHE A 396 3.54 6.49 6.73
C PHE A 396 2.05 6.30 7.00
N MET A 397 1.50 5.13 6.64
CA MET A 397 0.05 4.85 6.84
C MET A 397 -0.39 4.97 8.30
N ASN A 398 0.53 4.72 9.23
CA ASN A 398 0.34 5.00 10.67
C ASN A 398 -0.19 6.41 10.92
N LEU A 399 0.16 7.35 10.05
CA LEU A 399 -0.37 8.71 10.09
C LEU A 399 -1.85 8.71 9.67
N THR A 400 -2.14 8.05 8.54
CA THR A 400 -3.52 7.94 8.00
C THR A 400 -4.48 7.25 8.99
N ALA A 401 -3.92 6.46 9.91
CA ALA A 401 -4.64 5.96 11.09
C ALA A 401 -5.44 7.05 11.80
N LEU A 402 -4.85 8.25 11.93
CA LEU A 402 -5.56 9.40 12.51
C LEU A 402 -6.88 9.67 11.78
N ILE A 403 -6.81 9.71 10.45
CA ILE A 403 -7.96 10.03 9.60
C ILE A 403 -9.05 8.96 9.69
N ILE A 404 -8.66 7.69 9.68
CA ILE A 404 -9.63 6.59 9.83
C ILE A 404 -10.19 6.54 11.26
N LEU A 405 -9.38 6.93 12.25
CA LEU A 405 -9.78 6.90 13.66
C LEU A 405 -10.64 8.08 14.13
N VAL A 406 -10.56 9.24 13.46
CA VAL A 406 -11.42 10.40 13.80
C VAL A 406 -12.85 10.31 13.21
N GLY A 407 -13.06 9.37 12.29
CA GLY A 407 -14.39 9.07 11.76
C GLY A 407 -15.15 8.07 12.61
N ILE A 408 -14.51 6.93 12.90
CA ILE A 408 -15.10 5.83 13.68
C ILE A 408 -14.86 5.96 15.19
N GLY A 409 -13.85 6.73 15.59
CA GLY A 409 -13.55 6.96 17.01
C GLY A 409 -14.63 7.75 17.74
N ALA A 410 -15.18 8.76 17.08
CA ALA A 410 -16.26 9.58 17.63
C ALA A 410 -17.64 8.91 17.55
N ASP A 411 -17.79 7.91 16.67
CA ASP A 411 -19.04 7.16 16.46
C ASP A 411 -19.70 6.70 17.76
N ASP A 412 -18.93 5.95 18.56
CA ASP A 412 -19.42 5.35 19.81
C ASP A 412 -20.08 6.38 20.75
N ALA A 413 -19.46 7.55 20.87
CA ALA A 413 -19.97 8.67 21.68
C ALA A 413 -21.44 9.00 21.38
N PHE A 414 -21.78 9.09 20.10
CA PHE A 414 -23.17 9.37 19.65
C PHE A 414 -24.16 8.31 20.11
N VAL A 415 -23.69 7.07 20.21
CA VAL A 415 -24.49 5.96 20.73
C VAL A 415 -24.61 6.03 22.27
N LEU A 416 -23.87 6.93 22.94
CA LEU A 416 -23.86 7.02 24.41
C LEU A 416 -24.74 8.14 24.98
N CYS A 417 -24.50 9.36 24.49
CA CYS A 417 -25.14 10.58 25.01
C CYS A 417 -26.68 10.53 24.94
N ASP A 418 -27.19 10.09 23.79
CA ASP A 418 -28.64 9.94 23.59
C ASP A 418 -29.22 8.81 24.45
N VAL A 419 -28.43 7.76 24.69
CA VAL A 419 -28.83 6.66 25.60
C VAL A 419 -28.99 7.21 27.01
N TRP A 420 -27.98 7.96 27.45
CA TRP A 420 -28.02 8.67 28.75
C TRP A 420 -29.21 9.63 28.82
N ASN A 421 -29.46 10.35 27.71
CA ASN A 421 -30.61 11.26 27.62
C ASN A 421 -31.97 10.54 27.58
N TYR A 422 -32.03 9.38 26.93
CA TYR A 422 -33.29 8.63 26.72
C TYR A 422 -33.82 7.97 28.00
N THR A 423 -32.93 7.74 28.98
CA THR A 423 -33.27 7.11 30.25
C THR A 423 -33.66 8.13 31.32
N LYS A 424 -32.85 9.19 31.47
CA LYS A 424 -33.11 10.28 32.43
C LYS A 424 -34.47 10.97 32.27
N PHE A 425 -35.02 10.91 31.05
CA PHE A 425 -36.40 11.35 30.76
C PHE A 425 -37.42 10.27 31.15
N ASP A 426 -37.20 9.03 30.69
CA ASP A 426 -38.11 7.90 30.96
C ASP A 426 -38.09 7.48 32.43
N LYS A 427 -36.89 7.23 32.95
CA LYS A 427 -36.65 6.93 34.38
C LYS A 427 -36.61 8.27 35.15
N PRO A 428 -37.20 8.35 36.36
CA PRO A 428 -37.79 9.60 36.90
C PRO A 428 -37.00 10.58 37.80
N HIS A 429 -35.67 10.66 37.67
CA HIS A 429 -34.79 11.48 38.56
C HIS A 429 -34.46 10.78 39.90
N ALA A 430 -34.64 9.46 39.93
CA ALA A 430 -34.47 8.64 41.13
C ALA A 430 -33.10 8.82 41.80
N GLU A 431 -32.04 8.44 41.09
CA GLU A 431 -30.65 8.56 41.57
C GLU A 431 -29.68 8.23 40.41
N THR A 432 -28.46 8.81 40.47
CA THR A 432 -27.46 8.72 39.39
C THR A 432 -26.98 7.28 39.08
N SER A 433 -26.70 6.52 40.14
CA SER A 433 -26.11 5.18 40.05
C SER A 433 -26.93 4.19 39.19
N GLU A 434 -28.23 4.14 39.45
CA GLU A 434 -29.16 3.26 38.71
C GLU A 434 -29.26 3.67 37.24
N THR A 435 -29.30 4.98 36.99
CA THR A 435 -29.37 5.52 35.62
C THR A 435 -28.08 5.24 34.85
N VAL A 436 -26.93 5.48 35.47
CA VAL A 436 -25.63 5.20 34.83
C VAL A 436 -25.41 3.69 34.63
N SER A 437 -25.83 2.87 35.62
CA SER A 437 -25.72 1.41 35.51
C SER A 437 -26.48 0.84 34.31
N ILE A 438 -27.76 1.24 34.16
CA ILE A 438 -28.62 0.81 33.04
C ILE A 438 -28.07 1.28 31.70
N THR A 439 -27.77 2.57 31.59
CA THR A 439 -27.24 3.15 30.34
C THR A 439 -25.90 2.51 29.96
N LEU A 440 -25.03 2.31 30.95
CA LEU A 440 -23.70 1.72 30.73
C LEU A 440 -23.83 0.29 30.19
N GLN A 441 -24.56 -0.58 30.88
CA GLN A 441 -24.67 -2.00 30.45
C GLN A 441 -25.20 -2.13 29.01
N HIS A 442 -26.19 -1.32 28.65
CA HIS A 442 -26.77 -1.31 27.30
C HIS A 442 -25.81 -0.70 26.28
N ALA A 443 -25.33 0.50 26.58
CA ALA A 443 -24.40 1.22 25.67
C ALA A 443 -23.04 0.51 25.51
N ALA A 444 -22.59 -0.20 26.54
CA ALA A 444 -21.31 -0.93 26.54
C ALA A 444 -21.33 -2.15 25.64
N LEU A 445 -22.42 -2.94 25.73
CA LEU A 445 -22.66 -4.05 24.81
C LEU A 445 -22.54 -3.56 23.37
N SER A 446 -23.35 -2.54 23.05
CA SER A 446 -23.37 -1.92 21.71
C SER A 446 -22.03 -1.29 21.29
N MET A 447 -21.32 -0.69 22.24
CA MET A 447 -20.01 -0.04 21.96
C MET A 447 -18.88 -1.06 21.76
N PHE A 448 -18.86 -2.12 22.58
CA PHE A 448 -17.85 -3.19 22.44
C PHE A 448 -17.99 -3.92 21.12
N VAL A 449 -19.21 -4.40 20.84
CA VAL A 449 -19.53 -5.12 19.60
C VAL A 449 -19.16 -4.29 18.36
N THR A 450 -19.52 -3.00 18.36
CA THR A 450 -19.23 -2.10 17.23
C THR A 450 -17.73 -1.90 17.02
N SER A 451 -17.03 -1.53 18.09
CA SER A 451 -15.59 -1.23 18.04
C SER A 451 -14.72 -2.48 17.77
N PHE A 452 -15.03 -3.58 18.45
CA PHE A 452 -14.29 -4.85 18.29
C PHE A 452 -14.46 -5.42 16.88
N THR A 453 -15.69 -5.40 16.37
CA THR A 453 -16.00 -5.82 14.99
C THR A 453 -15.18 -5.03 13.96
N THR A 454 -14.99 -3.73 14.22
CA THR A 454 -14.14 -2.87 13.39
C THR A 454 -12.65 -3.24 13.57
N ALA A 455 -12.18 -3.24 14.81
CA ALA A 455 -10.78 -3.53 15.16
C ALA A 455 -10.28 -4.89 14.64
N ALA A 456 -11.15 -5.89 14.72
CA ALA A 456 -10.87 -7.28 14.31
C ALA A 456 -10.35 -7.39 12.88
N ALA A 457 -10.82 -6.52 11.99
CA ALA A 457 -10.37 -6.44 10.60
C ALA A 457 -8.86 -6.21 10.47
N PHE A 458 -8.36 -5.19 11.17
CA PHE A 458 -6.93 -4.85 11.18
C PHE A 458 -6.09 -5.92 11.88
N TYR A 459 -6.57 -6.37 13.04
CA TYR A 459 -5.95 -7.46 13.82
C TYR A 459 -5.86 -8.78 13.07
N ALA A 460 -6.86 -9.06 12.23
CA ALA A 460 -6.84 -10.21 11.32
C ALA A 460 -5.92 -9.93 10.14
N ASN A 461 -6.04 -8.75 9.54
CA ASN A 461 -5.17 -8.28 8.43
C ASN A 461 -3.67 -8.48 8.71
N TYR A 462 -3.27 -8.37 9.97
CA TYR A 462 -1.92 -8.73 10.45
C TYR A 462 -1.40 -10.11 9.96
N VAL A 463 -2.30 -11.08 9.77
CA VAL A 463 -1.93 -12.42 9.29
C VAL A 463 -1.26 -12.40 7.89
N SER A 464 -1.52 -11.34 7.12
CA SER A 464 -0.77 -11.04 5.89
C SER A 464 0.75 -10.99 6.15
N ASN A 465 1.54 -11.26 5.12
CA ASN A 465 3.00 -11.46 5.25
C ASN A 465 3.86 -10.41 4.51
N ILE A 466 3.35 -9.18 4.47
CA ILE A 466 4.13 -7.98 4.08
C ILE A 466 4.44 -7.21 5.38
N THR A 467 5.37 -6.25 5.32
CA THR A 467 5.90 -5.57 6.52
C THR A 467 5.09 -4.35 6.96
N ALA A 468 4.73 -3.50 5.98
CA ALA A 468 4.07 -2.21 6.25
C ALA A 468 2.61 -2.37 6.70
N ILE A 469 1.87 -3.20 5.97
CA ILE A 469 0.48 -3.54 6.29
C ILE A 469 0.36 -4.19 7.68
N ARG A 470 1.25 -5.12 7.99
CA ARG A 470 1.35 -5.75 9.32
C ARG A 470 1.53 -4.70 10.43
N CYS A 471 2.52 -3.84 10.21
CA CYS A 471 2.86 -2.75 11.14
C CYS A 471 1.70 -1.77 11.34
N PHE A 472 1.13 -1.30 10.23
CA PHE A 472 -0.07 -0.43 10.23
C PHE A 472 -1.24 -1.07 10.96
N GLY A 473 -1.53 -2.32 10.59
CA GLY A 473 -2.62 -3.11 11.19
C GLY A 473 -2.56 -3.20 12.70
N VAL A 474 -1.38 -3.57 13.22
CA VAL A 474 -1.14 -3.64 14.67
C VAL A 474 -1.43 -2.30 15.36
N TYR A 475 -0.90 -1.22 14.78
CA TYR A 475 -1.02 0.12 15.37
C TYR A 475 -2.46 0.63 15.43
N ALA A 476 -3.13 0.60 14.27
CA ALA A 476 -4.56 0.97 14.17
C ALA A 476 -5.47 0.04 14.97
N GLY A 477 -5.12 -1.24 15.00
CA GLY A 477 -5.81 -2.25 15.80
C GLY A 477 -5.86 -1.92 17.29
N THR A 478 -4.67 -1.73 17.87
CA THR A 478 -4.53 -1.27 19.27
C THR A 478 -5.21 0.08 19.52
N ALA A 479 -5.16 0.94 18.50
CA ALA A 479 -5.81 2.26 18.54
C ALA A 479 -7.33 2.18 18.66
N ILE A 480 -7.98 1.45 17.74
CA ILE A 480 -9.45 1.27 17.79
C ILE A 480 -9.92 0.53 19.07
N LEU A 481 -9.14 -0.45 19.52
CA LEU A 481 -9.52 -1.26 20.69
C LEU A 481 -9.40 -0.49 22.01
N VAL A 482 -8.26 0.15 22.22
CA VAL A 482 -8.04 1.00 23.42
C VAL A 482 -8.99 2.20 23.42
N ASN A 483 -9.34 2.71 22.24
CA ASN A 483 -10.36 3.78 22.09
C ASN A 483 -11.68 3.44 22.80
N TYR A 484 -12.12 2.18 22.67
CA TYR A 484 -13.35 1.70 23.35
C TYR A 484 -13.23 1.77 24.88
N VAL A 485 -12.15 1.22 25.42
CA VAL A 485 -11.84 1.26 26.86
C VAL A 485 -11.97 2.71 27.36
N LEU A 486 -11.26 3.61 26.68
CA LEU A 486 -11.30 5.05 26.97
C LEU A 486 -12.72 5.62 26.85
N MET A 487 -13.44 5.26 25.80
CA MET A 487 -14.85 5.70 25.62
C MET A 487 -15.76 5.29 26.79
N VAL A 488 -15.60 4.04 27.23
CA VAL A 488 -16.33 3.52 28.40
C VAL A 488 -15.86 4.18 29.71
N THR A 489 -14.55 4.42 29.84
CA THR A 489 -13.97 5.06 31.03
C THR A 489 -14.18 6.59 31.09
N TRP A 490 -14.57 7.19 29.96
CA TRP A 490 -14.91 8.63 29.87
C TRP A 490 -16.43 8.90 29.81
N LEU A 491 -17.24 7.85 29.62
CA LEU A 491 -18.68 7.92 29.91
C LEU A 491 -18.96 8.63 31.23
N PRO A 492 -18.41 8.13 32.37
CA PRO A 492 -18.68 8.78 33.64
C PRO A 492 -18.45 10.28 33.60
N ALA A 493 -17.27 10.68 33.12
CA ALA A 493 -16.87 12.07 32.98
C ALA A 493 -17.92 12.90 32.23
N VAL A 494 -18.28 12.48 31.02
CA VAL A 494 -19.23 13.26 30.20
C VAL A 494 -20.60 13.42 30.88
N VAL A 495 -21.11 12.32 31.46
CA VAL A 495 -22.44 12.34 32.10
C VAL A 495 -22.44 13.11 33.41
N VAL A 496 -21.52 12.79 34.33
CA VAL A 496 -21.55 13.39 35.68
C VAL A 496 -21.12 14.86 35.66
N LEU A 497 -20.14 15.21 34.82
CA LEU A 497 -19.76 16.62 34.64
C LEU A 497 -20.91 17.45 34.05
N HIS A 498 -21.65 16.86 33.11
CA HIS A 498 -22.86 17.48 32.54
C HIS A 498 -23.96 17.67 33.59
N GLU A 499 -24.03 16.77 34.57
CA GLU A 499 -24.98 16.88 35.70
C GLU A 499 -24.74 18.10 36.58
N ARG A 500 -23.48 18.46 36.78
CA ARG A 500 -23.08 19.61 37.62
C ARG A 500 -22.68 20.84 36.78
N TYR A 501 -23.42 21.09 35.70
CA TYR A 501 -23.16 22.24 34.81
C TYR A 501 -23.68 23.54 35.43
N CYS A 527 -28.04 37.12 21.20
CA CYS A 527 -27.07 36.02 21.33
C CYS A 527 -27.77 34.73 21.77
N GLN A 528 -28.07 34.62 23.08
CA GLN A 528 -28.75 33.44 23.64
C GLN A 528 -30.14 33.24 23.03
N LYS A 529 -30.73 34.35 22.59
CA LYS A 529 -31.94 34.35 21.76
C LYS A 529 -31.74 33.50 20.50
N CYS A 530 -30.66 33.79 19.77
CA CYS A 530 -30.30 33.04 18.55
C CYS A 530 -29.96 31.57 18.85
N HIS A 531 -29.26 31.35 19.97
CA HIS A 531 -28.96 30.01 20.49
C HIS A 531 -30.24 29.19 20.76
N LYS A 532 -31.22 29.81 21.43
CA LYS A 532 -32.49 29.13 21.74
C LYS A 532 -33.32 28.82 20.48
N VAL A 533 -33.26 29.72 19.48
CA VAL A 533 -33.85 29.48 18.16
C VAL A 533 -33.19 28.27 17.48
N LEU A 534 -31.86 28.23 17.52
CA LEU A 534 -31.07 27.07 17.05
C LEU A 534 -31.45 25.77 17.79
N PHE A 535 -31.60 25.86 19.11
CA PHE A 535 -32.02 24.73 19.94
C PHE A 535 -33.43 24.23 19.55
N ALA A 536 -34.34 25.18 19.33
CA ALA A 536 -35.69 24.88 18.84
C ALA A 536 -35.65 24.23 17.45
N ILE A 537 -34.85 24.80 16.53
CA ILE A 537 -34.60 24.22 15.20
C ILE A 537 -34.09 22.78 15.29
N SER A 538 -33.07 22.57 16.14
CA SER A 538 -32.44 21.25 16.34
C SER A 538 -33.41 20.20 16.88
N GLU A 539 -34.16 20.57 17.93
CA GLU A 539 -35.20 19.71 18.50
C GLU A 539 -36.30 19.41 17.48
N ALA A 540 -36.83 20.48 16.87
CA ALA A 540 -37.88 20.36 15.83
C ALA A 540 -37.47 19.44 14.68
N SER A 541 -36.23 19.64 14.18
CA SER A 541 -35.67 18.84 13.08
C SER A 541 -35.48 17.36 13.43
N ARG A 542 -35.07 17.09 14.67
CA ARG A 542 -34.92 15.71 15.19
C ARG A 542 -36.26 14.96 15.20
N ILE A 543 -37.31 15.63 15.65
CA ILE A 543 -38.68 15.08 15.67
C ILE A 543 -39.25 15.00 14.23
N PHE A 544 -38.92 16.00 13.39
CA PHE A 544 -39.24 16.01 11.95
C PHE A 544 -38.67 14.75 11.29
N PHE A 545 -37.37 14.52 11.50
CA PHE A 545 -36.65 13.29 11.10
C PHE A 545 -37.33 12.03 11.64
N GLU A 546 -37.57 12.02 12.95
CA GLU A 546 -38.12 10.87 13.67
C GLU A 546 -39.47 10.39 13.12
N LYS A 547 -40.29 11.33 12.64
CA LYS A 547 -41.61 11.03 12.08
C LYS A 547 -41.58 10.77 10.56
N VAL A 548 -40.71 11.47 9.82
CA VAL A 548 -40.66 11.34 8.35
C VAL A 548 -39.99 10.03 7.88
N LEU A 549 -38.78 9.77 8.36
CA LEU A 549 -37.94 8.67 7.87
C LEU A 549 -38.62 7.28 7.94
N PRO A 550 -39.30 6.96 9.06
CA PRO A 550 -40.10 5.73 9.09
C PRO A 550 -41.23 5.72 8.06
N CYS A 551 -41.90 6.86 7.87
CA CYS A 551 -42.95 7.01 6.85
C CYS A 551 -42.40 6.78 5.43
N ILE A 552 -41.24 7.37 5.14
CA ILE A 552 -40.60 7.23 3.82
C ILE A 552 -40.10 5.80 3.61
N VAL A 553 -39.39 5.25 4.60
CA VAL A 553 -38.84 3.89 4.48
C VAL A 553 -39.92 2.79 4.46
N ILE A 554 -41.10 3.09 5.02
CA ILE A 554 -42.25 2.16 4.97
C ILE A 554 -43.12 2.39 3.73
N LYS A 555 -43.19 3.63 3.24
CA LYS A 555 -43.79 3.91 1.92
C LYS A 555 -42.86 3.49 0.76
N PHE A 556 -41.67 2.98 1.09
CA PHE A 556 -40.84 2.17 0.17
C PHE A 556 -41.68 1.11 -0.54
N ARG A 557 -42.39 0.31 0.25
CA ARG A 557 -43.38 -0.67 -0.24
C ARG A 557 -42.79 -1.68 -1.23
N TYR A 558 -41.76 -2.39 -0.77
CA TYR A 558 -41.10 -3.47 -1.54
C TYR A 558 -40.29 -2.97 -2.76
N LEU A 559 -40.08 -1.65 -2.84
CA LEU A 559 -39.43 -1.01 -4.01
C LEU A 559 -37.92 -0.93 -3.80
N TRP A 560 -37.52 -0.31 -2.68
CA TRP A 560 -36.10 -0.14 -2.32
C TRP A 560 -35.34 -1.48 -2.22
N LEU A 561 -36.07 -2.54 -1.87
CA LEU A 561 -35.54 -3.91 -1.93
C LEU A 561 -35.11 -4.24 -3.36
N PHE A 562 -36.04 -4.11 -4.31
CA PHE A 562 -35.79 -4.45 -5.73
C PHE A 562 -34.66 -3.62 -6.33
N TRP A 563 -34.75 -2.30 -6.21
CA TRP A 563 -33.82 -1.37 -6.85
C TRP A 563 -32.37 -1.55 -6.38
N PHE A 564 -32.20 -1.69 -5.07
CA PHE A 564 -30.86 -1.76 -4.45
C PHE A 564 -30.26 -3.16 -4.58
N LEU A 565 -31.06 -4.20 -4.34
CA LEU A 565 -30.64 -5.60 -4.54
C LEU A 565 -30.17 -5.83 -5.97
N ALA A 566 -30.96 -5.34 -6.94
CA ALA A 566 -30.61 -5.38 -8.37
C ALA A 566 -29.30 -4.64 -8.67
N LEU A 567 -29.10 -3.50 -8.02
CA LEU A 567 -27.86 -2.72 -8.13
C LEU A 567 -26.65 -3.53 -7.64
N THR A 568 -26.77 -4.13 -6.45
CA THR A 568 -25.66 -4.88 -5.82
C THR A 568 -25.29 -6.13 -6.59
N VAL A 569 -26.27 -6.99 -6.84
CA VAL A 569 -26.07 -8.26 -7.57
C VAL A 569 -25.52 -7.98 -8.98
N GLY A 570 -26.09 -6.97 -9.64
CA GLY A 570 -25.67 -6.53 -10.98
C GLY A 570 -24.25 -5.98 -10.99
N GLY A 571 -23.96 -5.05 -10.09
CA GLY A 571 -22.61 -4.52 -9.92
C GLY A 571 -21.62 -5.66 -9.65
N ALA A 572 -21.80 -6.36 -8.53
CA ALA A 572 -20.95 -7.48 -8.08
C ALA A 572 -20.67 -8.51 -9.17
N TYR A 573 -21.75 -9.06 -9.74
CA TYR A 573 -21.68 -10.15 -10.72
C TYR A 573 -21.00 -9.76 -12.04
N ILE A 574 -20.93 -8.46 -12.33
CA ILE A 574 -20.14 -7.95 -13.47
C ILE A 574 -18.71 -7.63 -13.02
N VAL A 575 -18.58 -6.96 -11.88
CA VAL A 575 -17.29 -6.53 -11.33
C VAL A 575 -16.54 -7.61 -10.50
N CYS A 576 -16.95 -8.88 -10.66
CA CYS A 576 -16.19 -10.03 -10.12
C CYS A 576 -16.09 -11.20 -11.12
N ILE A 577 -16.09 -10.89 -12.42
CA ILE A 577 -15.99 -11.91 -13.50
C ILE A 577 -15.17 -11.35 -14.69
N ASN A 578 -15.72 -10.31 -15.34
CA ASN A 578 -15.19 -9.76 -16.61
C ASN A 578 -14.17 -8.63 -16.33
N PRO A 579 -13.58 -8.00 -17.38
CA PRO A 579 -12.61 -6.92 -17.14
C PRO A 579 -13.15 -5.76 -16.30
N LYS A 580 -12.56 -5.61 -15.12
CA LYS A 580 -12.91 -4.56 -14.18
C LYS A 580 -11.71 -4.07 -13.35
N MET A 581 -10.76 -4.97 -13.03
CA MET A 581 -9.57 -4.64 -12.22
C MET A 581 -8.33 -5.36 -12.75
N LYS A 582 -7.20 -5.04 -12.13
CA LYS A 582 -5.89 -5.65 -12.39
C LYS A 582 -5.02 -5.54 -11.13
N LEU A 583 -3.74 -5.88 -11.22
CA LEU A 583 -2.75 -5.69 -10.15
C LEU A 583 -1.86 -4.48 -10.50
N PRO A 584 -1.13 -3.90 -9.51
CA PRO A 584 -0.36 -2.67 -9.75
C PRO A 584 0.84 -2.88 -10.68
N SER A 585 0.56 -3.09 -11.96
CA SER A 585 1.57 -3.54 -12.94
C SER A 585 2.61 -2.45 -13.23
N LEU A 586 2.12 -1.26 -13.59
CA LEU A 586 2.98 -0.11 -13.88
C LEU A 586 3.45 0.56 -12.60
N GLU A 587 4.35 -0.12 -11.89
CA GLU A 587 4.85 0.31 -10.58
C GLU A 587 6.37 0.22 -10.51
N LEU A 588 6.92 -0.98 -10.64
CA LEU A 588 8.37 -1.21 -10.47
C LEU A 588 8.86 -0.66 -9.12
N SER A 589 8.08 -0.92 -8.06
CA SER A 589 8.28 -0.28 -6.75
C SER A 589 8.41 1.27 -6.83
N GLU A 590 7.66 1.88 -7.76
CA GLU A 590 7.51 3.33 -7.90
C GLU A 590 6.02 3.59 -8.16
N PHE A 591 5.27 3.70 -7.07
CA PHE A 591 3.81 3.80 -7.09
C PHE A 591 3.34 5.26 -7.23
N GLN A 592 2.03 5.45 -7.28
CA GLN A 592 1.43 6.78 -7.25
C GLN A 592 1.35 7.26 -5.79
N VAL A 593 2.37 8.02 -5.37
CA VAL A 593 2.48 8.57 -4.01
C VAL A 593 1.97 10.03 -3.96
N PHE A 594 1.48 10.54 -5.09
CA PHE A 594 0.85 11.87 -5.19
C PHE A 594 -0.40 11.78 -6.07
N ARG A 595 -1.16 12.88 -6.16
CA ARG A 595 -2.36 12.96 -7.00
C ARG A 595 -2.00 13.22 -8.47
N SER A 596 -2.87 12.78 -9.38
CA SER A 596 -2.63 12.86 -10.84
C SER A 596 -2.50 14.29 -11.38
N SER A 597 -3.12 15.25 -10.70
CA SER A 597 -2.98 16.68 -11.02
C SER A 597 -1.54 17.19 -10.85
N HIS A 598 -0.84 16.66 -9.86
CA HIS A 598 0.54 17.03 -9.54
C HIS A 598 1.52 16.33 -10.51
N PRO A 599 2.64 16.98 -10.88
CA PRO A 599 3.67 16.64 -11.87
C PRO A 599 4.16 15.19 -11.90
N PHE A 600 4.54 14.67 -10.73
CA PHE A 600 5.39 13.47 -10.63
C PHE A 600 4.68 12.19 -11.04
N GLU A 601 3.39 12.09 -10.69
CA GLU A 601 2.54 10.97 -11.14
C GLU A 601 2.25 11.10 -12.64
N ARG A 602 1.74 12.25 -13.05
CA ARG A 602 1.35 12.52 -14.45
C ARG A 602 2.48 12.21 -15.45
N TYR A 603 3.73 12.37 -15.00
CA TYR A 603 4.89 11.98 -15.81
C TYR A 603 4.87 10.53 -16.27
N ASP A 604 4.33 9.63 -15.45
CA ASP A 604 4.15 8.22 -15.84
C ASP A 604 3.45 8.12 -17.19
N ALA A 605 2.29 8.78 -17.29
CA ALA A 605 1.51 8.87 -18.54
C ALA A 605 2.23 9.62 -19.66
N GLU A 606 3.03 10.63 -19.30
CA GLU A 606 3.82 11.41 -20.26
C GLU A 606 4.95 10.59 -20.92
N TYR A 607 5.78 9.96 -20.10
CA TYR A 607 6.93 9.16 -20.56
C TYR A 607 6.53 7.80 -21.13
N LYS A 608 5.26 7.41 -20.97
CA LYS A 608 4.67 6.26 -21.66
C LYS A 608 4.75 6.36 -23.19
N LYS A 609 4.96 7.57 -23.71
CA LYS A 609 5.28 7.85 -25.13
C LYS A 609 6.12 6.75 -25.82
N HIS A 617 10.67 2.69 -23.43
CA HIS A 617 11.81 3.57 -23.67
C HIS A 617 13.12 2.93 -23.18
N HIS A 618 13.31 2.89 -21.86
CA HIS A 618 14.48 2.26 -21.24
C HIS A 618 14.28 0.74 -21.17
N GLY A 619 13.01 0.30 -21.13
CA GLY A 619 12.64 -1.11 -21.06
C GLY A 619 13.21 -1.97 -22.17
N GLU A 620 14.05 -2.94 -21.80
CA GLU A 620 14.72 -3.86 -22.72
C GLU A 620 14.26 -5.30 -22.43
N GLU A 621 13.91 -6.04 -23.48
CA GLU A 621 13.39 -7.41 -23.35
C GLU A 621 14.52 -8.39 -22.96
N LEU A 622 14.73 -8.52 -21.65
CA LEU A 622 15.77 -9.40 -21.07
C LEU A 622 15.21 -10.80 -20.77
N HIS A 623 16.13 -11.75 -20.57
CA HIS A 623 15.83 -13.13 -20.15
C HIS A 623 16.09 -13.35 -18.65
N MET A 624 15.18 -14.08 -17.99
CA MET A 624 15.26 -14.38 -16.55
C MET A 624 16.55 -15.15 -16.19
N PRO A 625 17.50 -14.50 -15.48
CA PRO A 625 18.69 -15.26 -15.08
C PRO A 625 18.33 -16.24 -13.96
N ILE A 626 17.89 -17.43 -14.36
CA ILE A 626 17.48 -18.50 -13.43
C ILE A 626 18.72 -19.20 -12.89
N THR A 627 18.96 -19.08 -11.57
CA THR A 627 20.25 -19.44 -10.96
C THR A 627 20.07 -20.26 -9.68
N VAL A 628 20.10 -21.59 -9.83
CA VAL A 628 20.16 -22.54 -8.69
C VAL A 628 21.62 -22.64 -8.23
N ILE A 629 21.86 -22.70 -6.92
CA ILE A 629 23.23 -22.46 -6.37
C ILE A 629 23.81 -23.48 -5.36
N TRP A 630 22.98 -24.07 -4.49
CA TRP A 630 23.42 -25.07 -3.48
C TRP A 630 24.49 -24.59 -2.46
N GLY A 631 24.84 -23.31 -2.49
CA GLY A 631 26.03 -22.82 -1.77
C GLY A 631 25.84 -22.56 -0.29
N VAL A 632 24.61 -22.18 0.09
CA VAL A 632 24.29 -21.72 1.45
C VAL A 632 22.88 -22.20 1.78
N SER A 633 22.63 -22.51 3.06
CA SER A 633 21.26 -22.86 3.52
C SER A 633 20.40 -21.58 3.58
N PRO A 634 19.38 -21.48 2.71
CA PRO A 634 18.57 -20.25 2.65
C PRO A 634 17.56 -20.17 3.81
N GLU A 635 18.03 -19.69 4.96
CA GLU A 635 17.22 -19.54 6.17
C GLU A 635 17.35 -18.10 6.70
N ASP A 636 16.20 -17.47 6.95
CA ASP A 636 16.10 -16.04 7.25
C ASP A 636 16.26 -15.85 8.76
N ASN A 637 17.51 -15.64 9.19
CA ASN A 637 17.84 -15.44 10.61
C ASN A 637 17.83 -13.93 10.96
N GLY A 638 16.67 -13.32 10.78
CA GLY A 638 16.44 -11.89 11.06
C GLY A 638 15.01 -11.66 11.54
N ASN A 639 14.75 -10.50 12.14
CA ASN A 639 13.42 -10.14 12.64
C ASN A 639 12.51 -9.85 11.43
N PRO A 640 11.43 -10.66 11.24
CA PRO A 640 10.53 -10.44 10.07
C PRO A 640 9.89 -9.05 9.98
N LEU A 641 9.62 -8.44 11.13
CA LEU A 641 8.97 -7.12 11.20
C LEU A 641 9.91 -5.98 10.79
N ASN A 642 11.13 -5.98 11.35
CA ASN A 642 12.14 -4.97 11.04
C ASN A 642 12.64 -5.14 9.59
N PRO A 643 12.46 -4.11 8.73
CA PRO A 643 12.92 -4.18 7.34
C PRO A 643 14.40 -3.83 7.14
N LYS A 644 15.01 -3.17 8.14
CA LYS A 644 16.38 -2.65 8.02
C LYS A 644 17.45 -3.70 8.35
N SER A 645 17.05 -4.78 9.04
CA SER A 645 17.92 -5.92 9.37
C SER A 645 17.47 -7.16 8.58
N LYS A 646 18.24 -7.53 7.55
CA LYS A 646 17.92 -8.65 6.67
C LYS A 646 18.33 -9.98 7.31
N GLY A 647 19.62 -10.10 7.65
CA GLY A 647 20.20 -11.31 8.28
C GLY A 647 21.62 -11.60 7.79
N LYS A 648 22.08 -12.84 8.03
CA LYS A 648 23.40 -13.33 7.60
C LYS A 648 23.32 -14.77 7.05
N LEU A 649 24.16 -15.06 6.06
CA LEU A 649 24.22 -16.39 5.43
C LEU A 649 24.76 -17.47 6.38
N THR A 650 24.28 -18.71 6.23
CA THR A 650 24.71 -19.86 7.05
C THR A 650 25.19 -21.03 6.18
N LEU A 651 26.43 -21.45 6.38
CA LEU A 651 27.07 -22.50 5.57
C LEU A 651 26.52 -23.88 5.94
N ASP A 652 26.50 -24.79 4.97
CA ASP A 652 25.98 -26.15 5.16
C ASP A 652 27.13 -27.17 5.18
N SER A 653 27.56 -27.53 6.40
CA SER A 653 28.66 -28.49 6.63
C SER A 653 28.39 -29.87 6.02
N SER A 654 27.12 -30.28 6.03
CA SER A 654 26.67 -31.53 5.42
C SER A 654 26.87 -31.53 3.89
N PHE A 655 26.61 -30.37 3.26
CA PHE A 655 26.94 -30.17 1.83
C PHE A 655 28.46 -30.22 1.65
N ASN A 656 28.91 -31.24 0.93
CA ASN A 656 30.31 -31.41 0.55
C ASN A 656 30.33 -32.07 -0.82
N ILE A 657 30.77 -31.32 -1.84
CA ILE A 657 31.04 -31.91 -3.15
C ILE A 657 32.17 -32.91 -2.92
N ALA A 658 31.78 -34.19 -2.82
CA ALA A 658 32.71 -35.31 -2.78
C ALA A 658 33.50 -35.30 -4.06
N SER A 659 34.81 -35.19 -3.93
CA SER A 659 35.67 -35.05 -5.08
C SER A 659 35.57 -36.25 -6.05
N PRO A 660 35.62 -37.48 -5.53
CA PRO A 660 35.45 -38.64 -6.42
C PRO A 660 34.04 -38.87 -7.01
N ALA A 661 33.01 -38.24 -6.42
CA ALA A 661 31.60 -38.47 -6.78
C ALA A 661 30.86 -37.16 -7.13
N SER A 662 29.60 -37.29 -7.52
CA SER A 662 28.68 -36.15 -7.75
C SER A 662 28.99 -35.23 -8.95
N GLN A 663 30.12 -35.46 -9.63
CA GLN A 663 30.49 -34.75 -10.86
C GLN A 663 29.67 -35.24 -12.05
N ALA A 664 29.46 -36.55 -12.11
CA ALA A 664 28.68 -37.20 -13.17
C ALA A 664 27.21 -36.83 -13.00
N TRP A 665 26.80 -36.61 -11.75
CA TRP A 665 25.47 -36.10 -11.43
C TRP A 665 25.24 -34.71 -12.03
N ILE A 666 26.14 -33.77 -11.78
CA ILE A 666 26.04 -32.40 -12.32
C ILE A 666 26.06 -32.42 -13.86
N LEU A 667 26.90 -33.28 -14.42
CA LEU A 667 26.96 -33.52 -15.87
C LEU A 667 25.62 -34.02 -16.41
N HIS A 668 25.14 -35.13 -15.85
CA HIS A 668 23.85 -35.73 -16.27
C HIS A 668 22.67 -34.75 -16.08
N PHE A 669 22.74 -33.98 -14.99
CA PHE A 669 21.80 -32.87 -14.70
C PHE A 669 21.85 -31.78 -15.79
N CYS A 670 23.05 -31.31 -16.10
CA CYS A 670 23.24 -30.26 -17.12
C CYS A 670 22.79 -30.75 -18.51
N GLN A 671 23.15 -31.99 -18.84
CA GLN A 671 22.66 -32.67 -20.05
C GLN A 671 21.12 -32.78 -20.07
N LYS A 672 20.54 -33.21 -18.94
CA LYS A 672 19.08 -33.31 -18.78
C LYS A 672 18.37 -31.98 -19.00
N LEU A 673 18.96 -30.90 -18.46
CA LEU A 673 18.48 -29.53 -18.73
C LEU A 673 18.63 -29.19 -20.21
N ARG A 674 19.83 -29.37 -20.75
CA ARG A 674 20.14 -29.03 -22.15
C ARG A 674 19.19 -29.75 -23.13
N ASN A 675 18.82 -30.99 -22.80
CA ASN A 675 17.82 -31.74 -23.57
C ASN A 675 16.38 -31.23 -23.34
N GLN A 676 16.09 -30.72 -22.14
CA GLN A 676 14.77 -30.14 -21.83
C GLN A 676 14.54 -28.81 -22.57
N THR A 677 13.27 -28.53 -22.89
CA THR A 677 12.89 -27.33 -23.63
C THR A 677 12.94 -26.06 -22.76
N PHE A 678 12.46 -24.95 -23.32
CA PHE A 678 12.34 -23.67 -22.63
C PHE A 678 13.72 -23.04 -22.20
N PHE A 679 14.81 -23.58 -22.71
CA PHE A 679 16.16 -23.12 -22.36
C PHE A 679 16.74 -22.37 -23.58
N TYR A 680 16.69 -21.04 -23.54
CA TYR A 680 17.23 -20.17 -24.60
C TYR A 680 18.75 -20.28 -24.64
N GLN A 681 19.26 -20.88 -25.72
CA GLN A 681 20.68 -21.23 -25.86
C GLN A 681 21.20 -21.02 -27.30
N THR A 682 20.62 -20.04 -28.01
CA THR A 682 21.05 -19.67 -29.36
C THR A 682 22.45 -19.04 -29.34
N ASP A 683 22.67 -18.14 -28.37
CA ASP A 683 24.00 -17.56 -28.12
C ASP A 683 24.95 -18.61 -27.52
N GLU A 684 26.20 -18.62 -27.99
CA GLU A 684 27.22 -19.61 -27.59
C GLU A 684 28.52 -19.00 -27.00
N GLN A 685 28.58 -17.68 -26.92
CA GLN A 685 29.81 -16.97 -26.50
C GLN A 685 29.76 -16.57 -25.01
N ASP A 686 29.09 -17.39 -24.20
CA ASP A 686 28.98 -17.19 -22.76
C ASP A 686 30.22 -17.74 -22.06
N PHE A 687 30.52 -19.01 -22.32
CA PHE A 687 31.70 -19.73 -21.77
C PHE A 687 31.61 -20.02 -20.25
N THR A 688 30.51 -19.61 -19.62
CA THR A 688 30.23 -19.85 -18.19
C THR A 688 28.71 -20.06 -18.06
N SER A 689 28.28 -21.28 -18.33
CA SER A 689 26.86 -21.66 -18.40
C SER A 689 26.50 -22.69 -17.32
N CYS A 690 27.24 -23.80 -17.28
CA CYS A 690 27.07 -24.84 -16.23
C CYS A 690 28.32 -25.04 -15.35
N PHE A 691 29.44 -24.40 -15.68
CA PHE A 691 30.74 -24.53 -14.97
C PHE A 691 31.47 -25.88 -15.21
N ILE A 692 30.78 -26.88 -15.73
CA ILE A 692 31.37 -28.19 -16.00
C ILE A 692 32.09 -28.21 -17.35
N GLU A 693 31.61 -27.42 -18.32
CA GLU A 693 32.20 -27.35 -19.66
C GLU A 693 33.63 -26.82 -19.60
N THR A 694 33.80 -25.66 -18.97
CA THR A 694 35.13 -25.08 -18.69
C THR A 694 36.06 -26.08 -17.98
N PHE A 695 35.49 -26.87 -17.06
CA PHE A 695 36.20 -27.96 -16.37
C PHE A 695 36.66 -29.04 -17.34
N LYS A 696 35.74 -29.49 -18.19
CA LYS A 696 36.01 -30.47 -19.25
C LYS A 696 37.05 -29.98 -20.25
N GLN A 697 37.05 -28.67 -20.53
CA GLN A 697 38.09 -28.05 -21.37
C GLN A 697 39.43 -27.97 -20.63
N TRP A 698 39.41 -27.62 -19.35
CA TRP A 698 40.65 -27.48 -18.57
C TRP A 698 41.32 -28.81 -18.20
N MET A 699 40.53 -29.87 -18.01
CA MET A 699 41.09 -31.23 -17.89
C MET A 699 41.61 -31.74 -19.25
N GLU A 700 40.99 -31.29 -20.35
CA GLU A 700 41.47 -31.58 -21.71
C GLU A 700 42.79 -30.87 -22.01
N ASN A 701 42.92 -29.60 -21.60
CA ASN A 701 44.17 -28.83 -21.76
C ASN A 701 45.04 -28.93 -20.49
N GLN A 702 46.14 -28.16 -20.45
CA GLN A 702 47.05 -28.05 -19.30
C GLN A 702 47.98 -29.26 -19.06
N ASP A 703 47.62 -30.43 -19.59
CA ASP A 703 48.39 -31.67 -19.41
C ASP A 703 49.46 -31.90 -20.49
N CYS A 704 49.26 -31.30 -21.67
CA CYS A 704 50.19 -31.43 -22.79
C CYS A 704 51.52 -30.73 -22.52
N PRO A 711 51.75 -25.13 -8.67
CA PRO A 711 50.94 -25.55 -9.82
C PRO A 711 50.48 -27.00 -9.71
N CYS A 712 49.58 -27.39 -10.61
CA CYS A 712 49.03 -28.76 -10.64
C CYS A 712 50.01 -29.74 -11.26
N CYS A 713 50.10 -29.73 -12.60
CA CYS A 713 51.00 -30.61 -13.38
C CYS A 713 50.86 -32.11 -13.03
N SER A 714 49.63 -32.54 -12.75
CA SER A 714 49.32 -33.92 -12.36
C SER A 714 48.04 -34.48 -13.02
N HIS A 715 47.52 -33.79 -14.04
CA HIS A 715 46.20 -34.11 -14.61
C HIS A 715 46.29 -35.36 -15.49
N TRP A 716 45.41 -36.34 -15.24
CA TRP A 716 45.27 -37.55 -16.07
C TRP A 716 43.77 -37.71 -16.45
N SER A 717 43.21 -38.90 -16.30
CA SER A 717 41.76 -39.19 -16.35
C SER A 717 40.86 -38.30 -15.44
N PHE A 718 39.58 -38.67 -15.37
CA PHE A 718 38.46 -37.87 -14.79
C PHE A 718 38.63 -37.75 -13.26
N PRO A 719 37.80 -36.94 -12.57
CA PRO A 719 38.19 -36.40 -11.27
C PRO A 719 38.27 -37.44 -10.13
N TYR A 720 39.43 -37.51 -9.46
CA TYR A 720 39.69 -38.47 -8.37
C TYR A 720 40.04 -37.72 -7.07
N LYS A 721 41.24 -37.13 -7.05
CA LYS A 721 41.71 -36.31 -5.92
C LYS A 721 41.01 -34.95 -5.91
N GLN A 722 40.93 -34.33 -7.09
CA GLN A 722 40.30 -33.00 -7.28
C GLN A 722 40.91 -31.90 -6.41
N GLU A 723 40.07 -30.97 -5.92
CA GLU A 723 40.49 -29.83 -5.12
C GLU A 723 41.51 -28.97 -5.90
N ILE A 724 42.78 -29.33 -5.83
CA ILE A 724 43.89 -28.56 -6.43
C ILE A 724 43.68 -28.27 -7.94
N PHE A 725 43.02 -29.18 -8.66
CA PHE A 725 42.63 -28.97 -10.05
C PHE A 725 41.52 -27.89 -10.19
N GLU A 726 40.53 -27.95 -9.30
CA GLU A 726 39.49 -26.90 -9.19
C GLU A 726 40.14 -25.53 -8.97
N LEU A 727 41.15 -25.49 -8.10
CA LEU A 727 41.94 -24.26 -7.81
C LEU A 727 42.71 -23.74 -9.04
N CYS A 728 43.25 -24.66 -9.84
CA CYS A 728 43.87 -24.30 -11.14
C CYS A 728 42.84 -23.85 -12.18
N ILE A 729 41.64 -24.42 -12.12
CA ILE A 729 40.51 -23.96 -12.93
C ILE A 729 39.99 -22.58 -12.50
N LYS A 730 40.09 -22.29 -11.21
CA LYS A 730 39.77 -20.96 -10.68
C LYS A 730 40.74 -19.96 -11.31
N ARG A 731 42.03 -20.30 -11.29
CA ARG A 731 43.03 -19.50 -11.99
C ARG A 731 42.62 -19.32 -13.46
N ALA A 732 42.27 -20.44 -14.11
CA ALA A 732 41.81 -20.43 -15.51
C ALA A 732 40.67 -19.45 -15.77
N ILE A 733 39.68 -19.44 -14.88
CA ILE A 733 38.58 -18.46 -14.92
C ILE A 733 39.08 -17.03 -14.68
N MET A 734 39.95 -16.86 -13.68
CA MET A 734 40.52 -15.55 -13.31
C MET A 734 41.36 -14.89 -14.42
N GLU A 735 41.99 -15.71 -15.26
CA GLU A 735 42.71 -15.21 -16.45
C GLU A 735 41.72 -14.63 -17.46
N TYR A 742 37.72 -10.37 -16.46
CA TYR A 742 37.40 -10.97 -15.17
C TYR A 742 35.90 -11.28 -15.03
N HIS A 743 35.10 -10.21 -14.92
CA HIS A 743 33.65 -10.29 -14.64
C HIS A 743 33.34 -10.97 -13.29
N LEU A 744 34.25 -10.82 -12.34
CA LEU A 744 34.13 -11.42 -11.00
C LEU A 744 33.23 -10.58 -10.08
N ASP A 745 31.99 -11.05 -9.91
CA ASP A 745 31.06 -10.52 -8.90
C ASP A 745 30.38 -11.74 -8.24
N SER A 746 29.33 -12.27 -8.86
CA SER A 746 28.91 -13.66 -8.68
C SER A 746 29.22 -14.34 -10.03
N LYS A 747 28.21 -14.67 -10.84
CA LYS A 747 28.39 -15.10 -12.23
C LYS A 747 29.22 -16.40 -12.43
N THR A 748 29.71 -16.98 -11.33
CA THR A 748 30.66 -18.10 -11.32
C THR A 748 30.55 -18.78 -9.94
N PRO A 749 30.82 -20.11 -9.86
CA PRO A 749 30.41 -20.89 -8.70
C PRO A 749 31.30 -21.07 -7.47
N GLY A 750 32.47 -20.45 -7.36
CA GLY A 750 33.47 -20.84 -6.32
C GLY A 750 33.32 -20.24 -4.92
N PRO A 751 34.28 -20.52 -4.00
CA PRO A 751 34.19 -20.04 -2.61
C PRO A 751 34.47 -18.55 -2.44
N ARG A 752 33.66 -17.88 -1.62
CA ARG A 752 33.76 -16.44 -1.35
C ARG A 752 33.33 -16.17 0.10
N PHE A 753 33.02 -14.91 0.42
CA PHE A 753 32.29 -14.48 1.64
C PHE A 753 33.04 -14.88 2.92
N ASP A 754 34.28 -14.40 3.01
CA ASP A 754 35.21 -14.69 4.11
C ASP A 754 35.49 -16.19 4.25
N ILE A 755 36.03 -16.77 3.17
CA ILE A 755 36.42 -18.19 3.12
C ILE A 755 37.87 -18.34 2.64
N ASN A 756 38.72 -18.89 3.50
CA ASN A 756 40.13 -19.21 3.17
C ASN A 756 40.30 -20.66 2.65
N ASP A 757 39.34 -21.53 2.99
CA ASP A 757 39.33 -22.93 2.57
C ASP A 757 38.74 -23.11 1.16
N THR A 758 38.49 -24.36 0.76
CA THR A 758 38.11 -24.71 -0.62
C THR A 758 36.61 -24.42 -0.88
N ILE A 759 36.08 -24.96 -2.00
CA ILE A 759 34.67 -24.80 -2.41
C ILE A 759 33.64 -24.87 -1.26
N ARG A 760 32.86 -23.79 -1.11
CA ARG A 760 31.66 -23.75 -0.26
C ARG A 760 30.41 -23.20 -0.95
N ALA A 761 30.58 -22.52 -2.10
CA ALA A 761 29.46 -22.04 -2.93
C ALA A 761 29.67 -22.52 -4.34
N VAL A 762 28.69 -23.22 -4.92
CA VAL A 762 28.67 -23.72 -6.32
C VAL A 762 27.56 -22.98 -7.09
N VAL A 763 27.70 -21.65 -7.12
CA VAL A 763 26.74 -20.73 -7.79
C VAL A 763 26.70 -20.97 -9.31
N LEU A 764 25.67 -21.68 -9.76
CA LEU A 764 25.46 -21.99 -11.19
C LEU A 764 24.56 -20.92 -11.84
N GLU A 765 24.79 -20.67 -13.14
CA GLU A 765 24.04 -19.68 -13.96
C GLU A 765 23.24 -20.39 -15.05
N PHE A 766 22.18 -19.75 -15.56
CA PHE A 766 21.44 -20.18 -16.79
C PHE A 766 20.67 -19.01 -17.42
N GLN A 767 20.09 -19.26 -18.61
CA GLN A 767 19.17 -18.33 -19.31
C GLN A 767 17.71 -18.83 -19.21
N SER A 768 16.76 -18.06 -19.77
CA SER A 768 15.31 -18.30 -19.59
C SER A 768 14.55 -18.55 -20.91
N THR A 769 13.22 -18.63 -20.79
CA THR A 769 12.30 -18.64 -21.94
C THR A 769 11.69 -17.26 -22.21
N TYR A 770 11.10 -16.70 -21.15
CA TYR A 770 10.14 -15.58 -21.26
C TYR A 770 10.81 -14.21 -21.03
N LEU A 771 10.01 -13.16 -21.16
CA LEU A 771 10.46 -11.76 -21.07
C LEU A 771 10.08 -11.15 -19.71
N PHE A 772 10.81 -10.12 -19.28
CA PHE A 772 10.50 -9.41 -18.02
C PHE A 772 9.30 -8.47 -18.20
N THR A 773 8.12 -8.95 -17.82
CA THR A 773 6.92 -8.11 -17.66
C THR A 773 6.83 -7.66 -16.20
N LEU A 774 6.08 -6.59 -15.95
CA LEU A 774 5.79 -6.10 -14.58
C LEU A 774 4.37 -6.47 -14.15
N ALA A 775 3.88 -7.63 -14.59
CA ALA A 775 2.51 -8.08 -14.31
C ALA A 775 2.50 -9.55 -13.89
N TYR A 776 1.31 -10.06 -13.56
CA TYR A 776 1.11 -11.41 -13.04
C TYR A 776 0.98 -12.39 -14.24
N GLU A 777 0.01 -13.30 -14.19
CA GLU A 777 -0.16 -14.35 -15.20
C GLU A 777 1.22 -14.96 -15.53
N LYS A 778 1.69 -14.78 -16.77
CA LYS A 778 2.80 -15.53 -17.38
C LYS A 778 3.98 -15.86 -16.45
N MET A 779 4.34 -14.89 -15.60
CA MET A 779 5.41 -15.05 -14.60
C MET A 779 5.11 -16.15 -13.58
N HIS A 780 3.84 -16.27 -13.18
CA HIS A 780 3.38 -17.31 -12.26
C HIS A 780 3.49 -18.71 -12.90
N GLN A 781 3.01 -18.84 -14.14
CA GLN A 781 3.13 -20.10 -14.90
C GLN A 781 4.58 -20.46 -15.18
N PHE A 782 5.39 -19.44 -15.52
CA PHE A 782 6.85 -19.56 -15.63
C PHE A 782 7.46 -20.11 -14.35
N TYR A 783 7.18 -19.44 -13.22
CA TYR A 783 7.70 -19.84 -11.90
C TYR A 783 7.27 -21.26 -11.51
N LYS A 784 5.96 -21.53 -11.62
CA LYS A 784 5.39 -22.84 -11.30
C LYS A 784 6.07 -23.98 -12.08
N GLU A 785 6.22 -23.79 -13.40
CA GLU A 785 6.81 -24.80 -14.29
C GLU A 785 8.30 -25.08 -13.98
N VAL A 786 9.07 -24.01 -13.77
CA VAL A 786 10.51 -24.14 -13.45
C VAL A 786 10.70 -24.71 -12.03
N ASP A 787 9.90 -24.24 -11.07
CA ASP A 787 9.94 -24.75 -9.68
C ASP A 787 9.59 -26.25 -9.67
N SER A 788 8.52 -26.62 -10.38
CA SER A 788 8.10 -28.02 -10.51
C SER A 788 9.15 -28.92 -11.18
N TRP A 789 9.91 -28.36 -12.14
CA TRP A 789 11.01 -29.08 -12.80
C TRP A 789 12.20 -29.23 -11.86
N ILE A 790 12.66 -28.12 -11.28
CA ILE A 790 13.79 -28.12 -10.33
C ILE A 790 13.50 -29.01 -9.11
N SER A 791 12.25 -28.99 -8.63
CA SER A 791 11.80 -29.86 -7.53
C SER A 791 11.91 -31.37 -7.86
N SER A 792 11.76 -31.71 -9.14
CA SER A 792 11.98 -33.09 -9.60
C SER A 792 13.48 -33.40 -9.66
N GLU A 793 14.24 -32.57 -10.34
CA GLU A 793 15.70 -32.76 -10.49
C GLU A 793 16.46 -32.75 -9.15
N LEU A 794 15.97 -31.99 -8.16
CA LEU A 794 16.54 -32.08 -6.79
C LEU A 794 16.05 -33.33 -6.04
N SER A 795 14.93 -33.91 -6.47
CA SER A 795 14.49 -35.22 -5.96
C SER A 795 15.37 -36.38 -6.47
N SER A 796 15.93 -36.21 -7.67
CA SER A 796 16.93 -37.14 -8.22
C SER A 796 18.33 -37.00 -7.59
N ALA A 797 18.56 -35.89 -6.88
CA ALA A 797 19.86 -35.53 -6.31
C ALA A 797 20.34 -36.50 -5.21
N PRO A 798 21.68 -36.59 -5.01
CA PRO A 798 22.22 -37.48 -3.98
C PRO A 798 22.29 -36.84 -2.59
N GLU A 799 22.83 -37.57 -1.62
CA GLU A 799 23.00 -37.09 -0.22
C GLU A 799 23.98 -35.93 -0.14
N GLY A 800 25.13 -36.09 -0.80
CA GLY A 800 26.18 -35.06 -0.87
C GLY A 800 25.70 -33.68 -1.31
N LEU A 801 24.67 -33.66 -2.17
CA LEU A 801 24.03 -32.43 -2.65
C LEU A 801 22.51 -32.61 -2.71
N SER A 802 21.80 -32.26 -1.63
CA SER A 802 20.36 -32.49 -1.48
C SER A 802 19.49 -31.24 -1.36
N ASN A 803 20.13 -30.07 -1.32
CA ASN A 803 19.55 -28.86 -0.69
C ASN A 803 19.01 -27.76 -1.61
N GLY A 804 19.34 -27.82 -2.90
CA GLY A 804 19.20 -26.68 -3.83
C GLY A 804 17.82 -26.07 -3.97
N TRP A 805 17.78 -24.78 -4.34
CA TRP A 805 16.54 -24.03 -4.59
C TRP A 805 16.66 -23.12 -5.84
N PHE A 806 15.55 -22.50 -6.22
CA PHE A 806 15.44 -21.64 -7.42
C PHE A 806 15.33 -20.16 -7.05
N VAL A 807 16.02 -19.29 -7.79
CA VAL A 807 15.95 -17.82 -7.60
C VAL A 807 16.28 -17.06 -8.89
N SER A 808 15.61 -15.91 -9.08
CA SER A 808 15.91 -14.96 -10.15
C SER A 808 15.43 -13.55 -9.75
N ASN A 809 15.58 -12.57 -10.65
CA ASN A 809 15.15 -11.17 -10.38
C ASN A 809 13.65 -10.98 -10.64
N LEU A 810 12.85 -11.35 -9.63
CA LEU A 810 11.39 -11.33 -9.72
C LEU A 810 10.74 -10.84 -8.41
N GLU A 811 11.43 -9.93 -7.71
CA GLU A 811 10.92 -9.27 -6.49
C GLU A 811 9.47 -8.81 -6.64
N PHE A 812 9.15 -8.30 -7.81
CA PHE A 812 7.81 -7.83 -8.14
C PHE A 812 6.75 -8.95 -8.12
N TYR A 813 7.11 -10.13 -8.63
CA TYR A 813 6.18 -11.28 -8.68
C TYR A 813 5.68 -11.69 -7.28
N ASP A 814 6.62 -11.86 -6.35
CA ASP A 814 6.29 -12.26 -4.97
C ASP A 814 5.52 -11.18 -4.21
N LEU A 815 5.83 -9.90 -4.48
CA LEU A 815 5.05 -8.76 -3.96
C LEU A 815 3.58 -8.89 -4.34
N GLN A 816 3.32 -9.19 -5.62
CA GLN A 816 1.95 -9.38 -6.11
C GLN A 816 1.28 -10.61 -5.48
N ASP A 817 2.03 -11.72 -5.40
CA ASP A 817 1.53 -12.98 -4.83
C ASP A 817 1.18 -12.84 -3.34
N SER A 818 2.07 -12.21 -2.58
CA SER A 818 1.86 -11.96 -1.14
C SER A 818 0.67 -11.03 -0.87
N LEU A 819 0.55 -9.98 -1.67
CA LEU A 819 -0.60 -9.05 -1.60
C LEU A 819 -1.93 -9.76 -1.84
N SER A 820 -1.99 -10.53 -2.93
CA SER A 820 -3.19 -11.30 -3.30
C SER A 820 -3.62 -12.29 -2.22
N ASP A 821 -2.66 -13.06 -1.70
CA ASP A 821 -2.91 -14.00 -0.60
C ASP A 821 -3.33 -13.27 0.67
N GLY A 822 -2.54 -12.26 1.07
CA GLY A 822 -2.78 -11.46 2.27
C GLY A 822 -4.16 -10.82 2.35
N THR A 823 -4.62 -10.27 1.23
CA THR A 823 -5.96 -9.68 1.13
C THR A 823 -7.07 -10.70 1.31
N LEU A 824 -6.94 -11.83 0.60
CA LEU A 824 -7.90 -12.96 0.68
C LEU A 824 -8.10 -13.46 2.11
N ILE A 825 -7.00 -13.77 2.78
CA ILE A 825 -7.02 -14.29 4.17
C ILE A 825 -7.48 -13.24 5.20
N ALA A 826 -7.19 -11.96 4.93
CA ALA A 826 -7.71 -10.84 5.73
C ALA A 826 -9.24 -10.72 5.56
N MET A 827 -9.69 -10.73 4.30
CA MET A 827 -11.12 -10.79 3.95
C MET A 827 -11.85 -11.97 4.59
N GLY A 828 -11.21 -13.14 4.54
CA GLY A 828 -11.74 -14.38 5.10
C GLY A 828 -12.03 -14.32 6.59
N LEU A 829 -11.07 -13.81 7.35
CA LEU A 829 -11.24 -13.62 8.80
C LEU A 829 -12.19 -12.49 9.16
N SER A 830 -12.23 -11.44 8.33
CA SER A 830 -13.13 -10.30 8.53
C SER A 830 -14.61 -10.70 8.41
N VAL A 831 -14.94 -11.49 7.38
CA VAL A 831 -16.29 -12.05 7.19
C VAL A 831 -16.63 -13.09 8.28
N ALA A 832 -15.62 -13.84 8.72
CA ALA A 832 -15.78 -14.88 9.76
C ALA A 832 -16.15 -14.28 11.12
N VAL A 833 -15.37 -13.29 11.56
CA VAL A 833 -15.65 -12.56 12.82
C VAL A 833 -16.95 -11.75 12.71
N ALA A 834 -17.22 -11.21 11.52
CA ALA A 834 -18.45 -10.47 11.20
C ALA A 834 -19.71 -11.28 11.51
N PHE A 835 -19.79 -12.48 10.95
CA PHE A 835 -20.89 -13.43 11.19
C PHE A 835 -20.94 -13.85 12.66
N SER A 836 -19.79 -14.25 13.20
CA SER A 836 -19.64 -14.70 14.60
C SER A 836 -20.15 -13.68 15.61
N VAL A 837 -19.73 -12.42 15.46
CA VAL A 837 -20.10 -11.35 16.39
C VAL A 837 -21.56 -10.86 16.18
N MET A 838 -22.05 -10.96 14.94
CA MET A 838 -23.46 -10.71 14.63
C MET A 838 -24.36 -11.74 15.33
N LEU A 839 -23.91 -12.99 15.38
CA LEU A 839 -24.56 -14.04 16.18
C LEU A 839 -24.49 -13.78 17.70
N LEU A 840 -23.36 -13.25 18.15
CA LEU A 840 -23.15 -12.91 19.57
C LEU A 840 -24.14 -11.85 20.08
N THR A 841 -24.36 -10.82 19.27
CA THR A 841 -25.25 -9.70 19.65
C THR A 841 -26.75 -10.05 19.55
N THR A 842 -27.17 -10.59 18.41
CA THR A 842 -28.57 -10.96 18.16
C THR A 842 -28.67 -12.48 18.03
N TRP A 843 -29.57 -13.06 18.82
CA TRP A 843 -29.61 -14.53 19.02
C TRP A 843 -30.41 -15.28 17.95
N ASN A 844 -31.32 -14.58 17.26
CA ASN A 844 -32.04 -15.13 16.09
C ASN A 844 -31.09 -15.16 14.87
N ILE A 845 -31.45 -15.96 13.87
CA ILE A 845 -30.55 -16.30 12.73
C ILE A 845 -30.99 -15.67 11.39
N ILE A 846 -32.31 -15.62 11.13
CA ILE A 846 -32.86 -14.85 9.99
C ILE A 846 -32.27 -13.42 9.90
N ILE A 847 -32.18 -12.77 11.06
CA ILE A 847 -31.50 -11.47 11.22
C ILE A 847 -29.99 -11.55 10.89
N SER A 848 -29.36 -12.65 11.29
CA SER A 848 -27.94 -12.90 11.01
C SER A 848 -27.64 -13.11 9.52
N LEU A 849 -28.54 -13.79 8.81
CA LEU A 849 -28.44 -13.91 7.34
C LEU A 849 -28.68 -12.55 6.68
N TYR A 850 -29.80 -11.91 7.07
CA TYR A 850 -30.11 -10.51 6.71
C TYR A 850 -28.87 -9.63 6.79
N ALA A 851 -28.17 -9.73 7.92
CA ALA A 851 -26.92 -8.99 8.17
C ALA A 851 -25.86 -9.29 7.11
N ILE A 852 -25.47 -10.56 7.00
CA ILE A 852 -24.39 -11.00 6.07
C ILE A 852 -24.72 -10.68 4.60
N ILE A 853 -26.01 -10.77 4.24
CA ILE A 853 -26.47 -10.33 2.91
C ILE A 853 -26.23 -8.81 2.73
N SER A 854 -26.54 -8.04 3.78
CA SER A 854 -26.29 -6.59 3.79
C SER A 854 -24.79 -6.27 3.71
N ILE A 855 -23.98 -7.06 4.42
CA ILE A 855 -22.50 -6.95 4.40
C ILE A 855 -21.97 -7.25 3.00
N ALA A 856 -22.44 -8.36 2.43
CA ALA A 856 -22.10 -8.79 1.06
C ALA A 856 -22.47 -7.74 0.03
N GLY A 857 -23.71 -7.23 0.12
CA GLY A 857 -24.17 -6.16 -0.75
C GLY A 857 -23.33 -4.90 -0.68
N THR A 858 -23.11 -4.39 0.54
CA THR A 858 -22.37 -3.14 0.74
C THR A 858 -20.91 -3.24 0.27
N ILE A 859 -20.20 -4.31 0.66
CA ILE A 859 -18.82 -4.51 0.20
C ILE A 859 -18.74 -4.59 -1.34
N PHE A 860 -19.70 -5.28 -1.96
CA PHE A 860 -19.74 -5.39 -3.43
C PHE A 860 -20.07 -4.06 -4.12
N VAL A 861 -20.76 -3.16 -3.43
CA VAL A 861 -20.87 -1.76 -3.87
C VAL A 861 -19.49 -1.08 -3.79
N THR A 862 -18.80 -1.30 -2.67
CA THR A 862 -17.52 -0.62 -2.36
C THR A 862 -16.47 -0.93 -3.42
N VAL A 863 -16.05 -2.19 -3.51
CA VAL A 863 -14.97 -2.60 -4.43
C VAL A 863 -15.39 -2.68 -5.92
N GLY A 864 -16.64 -2.32 -6.22
CA GLY A 864 -17.12 -2.09 -7.59
C GLY A 864 -17.08 -0.62 -7.96
N SER A 865 -17.67 0.22 -7.10
CA SER A 865 -17.62 1.68 -7.27
C SER A 865 -16.19 2.24 -7.16
N LEU A 866 -15.40 1.59 -6.30
CA LEU A 866 -14.01 1.94 -5.99
C LEU A 866 -13.07 1.70 -7.16
N VAL A 867 -13.17 0.51 -7.74
CA VAL A 867 -12.31 0.13 -8.85
C VAL A 867 -12.63 0.89 -10.15
N LEU A 868 -13.93 1.08 -10.44
CA LEU A 868 -14.39 1.82 -11.62
C LEU A 868 -13.69 3.18 -11.71
N LEU A 869 -13.32 3.72 -10.54
CA LEU A 869 -12.43 4.87 -10.42
C LEU A 869 -10.93 4.47 -10.53
N GLY A 870 -10.59 3.73 -11.60
CA GLY A 870 -9.22 3.33 -11.92
C GLY A 870 -8.33 2.97 -10.75
N TRP A 871 -8.86 2.16 -9.84
CA TRP A 871 -8.21 1.84 -8.57
C TRP A 871 -8.02 0.33 -8.40
N GLU A 872 -6.97 -0.17 -9.03
CA GLU A 872 -6.51 -1.55 -8.85
C GLU A 872 -5.90 -1.74 -7.45
N LEU A 873 -5.89 -2.98 -6.97
CA LEU A 873 -5.43 -3.30 -5.61
C LEU A 873 -3.89 -3.29 -5.52
N ASN A 874 -3.32 -2.21 -4.98
CA ASN A 874 -1.86 -2.02 -4.88
C ASN A 874 -1.34 -2.40 -3.47
N VAL A 875 -1.48 -1.50 -2.50
CA VAL A 875 -0.95 -1.69 -1.12
C VAL A 875 -1.99 -1.37 -0.05
N LEU A 876 -2.57 -0.16 -0.10
CA LEU A 876 -3.56 0.28 0.89
C LEU A 876 -4.89 -0.46 0.73
N GLU A 877 -5.22 -0.80 -0.51
CA GLU A 877 -6.52 -1.37 -0.88
C GLU A 877 -6.89 -2.64 -0.06
N SER A 878 -5.87 -3.36 0.40
CA SER A 878 -6.01 -4.45 1.35
C SER A 878 -6.66 -4.03 2.67
N VAL A 879 -6.07 -3.01 3.32
CA VAL A 879 -6.56 -2.54 4.62
C VAL A 879 -7.84 -1.72 4.49
N THR A 880 -8.10 -1.18 3.30
CA THR A 880 -9.37 -0.51 3.01
C THR A 880 -10.50 -1.55 3.02
N ILE A 881 -10.36 -2.59 2.20
CA ILE A 881 -11.33 -3.72 2.16
C ILE A 881 -11.61 -4.26 3.58
N SER A 882 -10.57 -4.30 4.41
CA SER A 882 -10.70 -4.67 5.83
C SER A 882 -11.58 -3.68 6.61
N VAL A 883 -11.34 -2.36 6.43
CA VAL A 883 -12.21 -1.30 6.99
C VAL A 883 -13.66 -1.54 6.55
N ALA A 884 -13.85 -1.67 5.23
CA ALA A 884 -15.17 -1.85 4.61
C ALA A 884 -16.04 -2.93 5.27
N VAL A 885 -15.45 -4.08 5.55
CA VAL A 885 -16.13 -5.18 6.28
C VAL A 885 -16.39 -4.78 7.73
N GLY A 886 -15.40 -4.15 8.37
CA GLY A 886 -15.52 -3.68 9.76
C GLY A 886 -16.66 -2.71 9.98
N LEU A 887 -16.79 -1.73 9.09
CA LEU A 887 -17.77 -0.64 9.23
C LEU A 887 -19.16 -1.01 8.69
N SER A 888 -19.23 -1.97 7.77
CA SER A 888 -20.50 -2.53 7.30
C SER A 888 -21.27 -3.22 8.43
N VAL A 889 -20.56 -4.06 9.18
CA VAL A 889 -21.13 -4.81 10.30
C VAL A 889 -21.36 -3.88 11.51
N ASP A 890 -20.45 -2.93 11.69
CA ASP A 890 -20.58 -1.83 12.67
C ASP A 890 -21.98 -1.22 12.67
N PHE A 891 -22.51 -0.96 11.46
CA PHE A 891 -23.87 -0.44 11.30
C PHE A 891 -24.92 -1.53 11.50
N ALA A 892 -24.77 -2.64 10.76
CA ALA A 892 -25.68 -3.79 10.82
C ALA A 892 -26.03 -4.23 12.25
N VAL A 893 -24.99 -4.43 13.06
CA VAL A 893 -25.13 -4.86 14.47
C VAL A 893 -26.11 -3.98 15.26
N HIS A 894 -25.85 -2.67 15.27
CA HIS A 894 -26.62 -1.72 16.08
C HIS A 894 -28.09 -1.61 15.62
N TYR A 895 -28.33 -1.83 14.33
CA TYR A 895 -29.69 -2.02 13.79
C TYR A 895 -30.34 -3.26 14.41
N GLY A 896 -29.57 -4.33 14.52
CA GLY A 896 -30.05 -5.64 14.95
C GLY A 896 -30.64 -5.74 16.34
N VAL A 897 -29.84 -5.47 17.37
CA VAL A 897 -30.29 -5.52 18.77
C VAL A 897 -31.45 -4.54 19.04
N ALA A 898 -31.36 -3.37 18.38
CA ALA A 898 -32.38 -2.32 18.48
C ALA A 898 -33.74 -2.77 17.94
N TYR A 899 -33.73 -3.60 16.89
CA TYR A 899 -34.94 -4.27 16.42
C TYR A 899 -35.42 -5.32 17.43
N ARG A 900 -34.51 -6.22 17.79
CA ARG A 900 -34.80 -7.32 18.74
C ARG A 900 -35.46 -6.81 20.02
N LEU A 901 -34.94 -5.71 20.57
CA LEU A 901 -35.50 -5.07 21.76
C LEU A 901 -36.48 -3.96 21.36
N ALA A 902 -37.69 -4.39 20.96
CA ALA A 902 -38.83 -3.50 20.72
C ALA A 902 -39.96 -3.92 21.67
N PRO A 903 -40.72 -2.94 22.22
CA PRO A 903 -41.75 -3.27 23.23
C PRO A 903 -42.97 -4.02 22.68
N ASP A 904 -43.43 -3.62 21.49
CA ASP A 904 -44.60 -4.25 20.86
C ASP A 904 -44.22 -5.59 20.21
N PRO A 905 -45.24 -6.40 19.93
CA PRO A 905 -45.09 -7.69 19.24
C PRO A 905 -45.58 -7.61 17.77
N ASP A 906 -45.68 -6.39 17.24
CA ASP A 906 -46.10 -6.14 15.85
C ASP A 906 -44.88 -6.13 14.93
N ARG A 907 -45.13 -6.07 13.61
CA ARG A 907 -44.07 -6.05 12.58
C ARG A 907 -43.86 -4.67 11.94
N GLU A 908 -44.78 -3.73 12.19
CA GLU A 908 -44.73 -2.37 11.63
C GLU A 908 -44.43 -1.32 12.71
N GLY A 909 -45.20 -1.35 13.79
CA GLY A 909 -44.95 -0.50 14.97
C GLY A 909 -43.56 -0.76 15.57
N LYS A 910 -43.16 -2.04 15.59
CA LYS A 910 -41.81 -2.46 15.97
C LYS A 910 -40.75 -1.84 15.05
N VAL A 911 -40.97 -1.96 13.74
CA VAL A 911 -40.11 -1.35 12.73
C VAL A 911 -39.99 0.15 12.99
N ILE A 912 -41.12 0.86 12.96
CA ILE A 912 -41.20 2.31 13.20
C ILE A 912 -40.36 2.75 14.41
N PHE A 913 -40.68 2.17 15.57
CA PHE A 913 -39.95 2.47 16.82
C PHE A 913 -38.46 2.12 16.68
N SER A 914 -38.17 0.86 16.38
CA SER A 914 -36.80 0.37 16.21
C SER A 914 -36.03 1.20 15.19
N LEU A 915 -36.66 1.45 14.05
CA LEU A 915 -36.10 2.24 12.95
C LEU A 915 -35.77 3.68 13.36
N SER A 916 -36.77 4.37 13.91
CA SER A 916 -36.61 5.76 14.38
C SER A 916 -35.47 5.89 15.37
N ARG A 917 -35.31 4.89 16.24
CA ARG A 917 -34.18 4.79 17.15
C ARG A 917 -32.87 4.70 16.36
N VAL A 918 -32.65 3.56 15.75
CA VAL A 918 -31.39 3.27 15.03
C VAL A 918 -30.97 4.41 14.09
N GLY A 919 -31.94 4.97 13.37
CA GLY A 919 -31.68 6.11 12.48
C GLY A 919 -31.04 7.27 13.23
N SER A 920 -31.69 7.66 14.34
CA SER A 920 -31.27 8.79 15.18
C SER A 920 -29.85 8.66 15.79
N ALA A 921 -29.37 7.43 16.00
CA ALA A 921 -27.98 7.22 16.53
C ALA A 921 -27.09 7.40 15.36
N MET A 922 -27.39 6.58 14.36
CA MET A 922 -26.43 6.15 13.39
C MET A 922 -26.24 7.20 12.31
N ALA A 923 -27.34 7.73 11.78
CA ALA A 923 -27.27 8.78 10.74
C ALA A 923 -26.38 9.97 11.12
N MET A 924 -26.47 10.38 12.39
CA MET A 924 -25.61 11.43 12.94
C MET A 924 -24.14 10.97 12.97
N ALA A 925 -23.91 9.71 13.38
CA ALA A 925 -22.58 9.11 13.40
C ALA A 925 -22.04 8.84 11.98
N ALA A 926 -22.95 8.57 11.04
CA ALA A 926 -22.64 8.46 9.62
C ALA A 926 -22.19 9.80 9.06
N LEU A 927 -22.98 10.84 9.35
CA LEU A 927 -22.64 12.22 8.98
C LEU A 927 -21.29 12.67 9.57
N THR A 928 -21.06 12.32 10.84
CA THR A 928 -19.80 12.59 11.54
C THR A 928 -18.59 12.07 10.77
N THR A 929 -18.67 10.80 10.38
CA THR A 929 -17.63 10.13 9.58
C THR A 929 -17.54 10.73 8.16
N PHE A 930 -18.69 10.90 7.50
CA PHE A 930 -18.74 11.43 6.13
C PHE A 930 -18.01 12.77 5.98
N VAL A 931 -18.28 13.69 6.90
CA VAL A 931 -17.60 14.99 6.95
C VAL A 931 -16.11 14.82 7.25
N ALA A 932 -15.80 13.97 8.23
CA ALA A 932 -14.42 13.65 8.62
C ALA A 932 -13.57 13.08 7.47
N GLY A 933 -14.23 12.34 6.58
CA GLY A 933 -13.59 11.78 5.38
C GLY A 933 -13.58 12.69 4.16
N ALA A 934 -14.69 13.38 3.93
CA ALA A 934 -14.86 14.29 2.77
C ALA A 934 -13.93 15.49 2.82
N MET A 935 -13.73 16.03 4.02
CA MET A 935 -12.85 17.19 4.25
C MET A 935 -11.37 16.94 3.92
N MET A 936 -10.99 15.65 3.88
CA MET A 936 -9.62 15.24 3.55
C MET A 936 -9.32 15.12 2.06
N MET A 937 -10.35 15.25 1.21
CA MET A 937 -10.19 15.10 -0.25
C MET A 937 -9.14 16.05 -0.86
N PRO A 938 -9.17 17.36 -0.53
CA PRO A 938 -8.12 18.25 -1.04
C PRO A 938 -6.79 18.07 -0.29
N SER A 939 -5.83 17.43 -0.97
CA SER A 939 -4.45 17.25 -0.49
C SER A 939 -3.56 16.80 -1.66
N THR A 940 -2.27 16.64 -1.41
CA THR A 940 -1.29 16.32 -2.47
C THR A 940 -0.91 14.83 -2.46
N VAL A 941 -0.45 14.35 -1.30
CA VAL A 941 -0.10 12.92 -1.10
C VAL A 941 -1.32 12.03 -1.41
N LEU A 942 -1.09 10.95 -2.14
CA LEU A 942 -2.16 10.04 -2.57
C LEU A 942 -2.72 9.24 -1.39
N ALA A 943 -1.85 8.88 -0.45
CA ALA A 943 -2.21 8.16 0.79
C ALA A 943 -3.46 8.68 1.50
N TYR A 944 -3.49 9.99 1.75
CA TYR A 944 -4.58 10.66 2.48
C TYR A 944 -5.85 10.78 1.63
N THR A 945 -5.67 11.29 0.41
CA THR A 945 -6.74 11.35 -0.60
C THR A 945 -7.44 9.99 -0.76
N GLN A 946 -6.62 8.95 -0.90
CA GLN A 946 -7.02 7.56 -1.04
C GLN A 946 -7.93 7.09 0.08
N LEU A 947 -7.38 7.10 1.29
CA LEU A 947 -8.08 6.58 2.48
C LEU A 947 -9.28 7.45 2.85
N GLY A 948 -9.11 8.78 2.73
CA GLY A 948 -10.18 9.75 3.02
C GLY A 948 -11.42 9.60 2.16
N THR A 949 -11.22 9.58 0.83
CA THR A 949 -12.32 9.43 -0.14
C THR A 949 -12.91 8.02 -0.11
N PHE A 950 -12.06 7.03 0.20
CA PHE A 950 -12.50 5.64 0.36
C PHE A 950 -13.54 5.55 1.47
N MET A 951 -13.10 5.75 2.72
CA MET A 951 -13.93 5.58 3.91
C MET A 951 -15.19 6.47 3.90
N MET A 952 -15.08 7.63 3.26
CA MET A 952 -16.22 8.53 2.99
C MET A 952 -17.32 7.80 2.21
N LEU A 953 -16.94 7.20 1.09
CA LEU A 953 -17.84 6.44 0.22
C LEU A 953 -18.46 5.25 0.97
N ILE A 954 -17.61 4.53 1.72
CA ILE A 954 -18.00 3.31 2.45
C ILE A 954 -19.09 3.60 3.45
N MET A 955 -18.89 4.63 4.27
CA MET A 955 -19.87 5.08 5.26
C MET A 955 -21.15 5.57 4.59
N CYS A 956 -20.98 6.46 3.61
CA CYS A 956 -22.09 7.02 2.81
C CYS A 956 -23.00 5.94 2.23
N ILE A 957 -22.41 4.86 1.72
CA ILE A 957 -23.17 3.70 1.26
C ILE A 957 -23.73 2.93 2.46
N SER A 958 -22.84 2.45 3.32
CA SER A 958 -23.15 1.48 4.40
C SER A 958 -24.34 1.84 5.28
N TRP A 959 -24.44 3.10 5.68
CA TRP A 959 -25.48 3.55 6.63
C TRP A 959 -26.88 3.39 5.99
N ALA A 960 -27.06 4.02 4.84
CA ALA A 960 -28.34 4.03 4.12
C ALA A 960 -28.62 2.67 3.51
N PHE A 961 -27.55 1.95 3.14
CA PHE A 961 -27.64 0.58 2.67
C PHE A 961 -28.23 -0.31 3.76
N ALA A 962 -27.57 -0.34 4.92
CA ALA A 962 -28.00 -1.13 6.08
C ALA A 962 -29.40 -0.72 6.51
N THR A 963 -29.64 0.59 6.58
CA THR A 963 -30.97 1.16 6.88
C THR A 963 -32.04 0.52 6.01
N PHE A 964 -32.04 0.82 4.71
CA PHE A 964 -33.16 0.51 3.83
C PHE A 964 -33.31 -0.99 3.51
N PHE A 965 -32.19 -1.71 3.45
CA PHE A 965 -32.21 -3.18 3.28
C PHE A 965 -32.91 -3.88 4.47
N PHE A 966 -32.34 -3.72 5.66
CA PHE A 966 -32.86 -4.36 6.90
C PHE A 966 -34.36 -4.19 7.10
N GLN A 967 -34.89 -3.01 6.78
CA GLN A 967 -36.25 -2.62 7.15
C GLN A 967 -37.26 -2.98 6.07
N CYS A 968 -36.88 -2.82 4.81
CA CYS A 968 -37.64 -3.38 3.68
C CYS A 968 -37.64 -4.91 3.69
N MET A 969 -36.57 -5.52 4.23
CA MET A 969 -36.49 -6.97 4.42
C MET A 969 -37.29 -7.40 5.66
N CYS A 970 -37.30 -6.55 6.70
CA CYS A 970 -38.09 -6.78 7.93
C CYS A 970 -39.58 -6.47 7.77
N ARG A 971 -39.94 -5.71 6.73
CA ARG A 971 -41.34 -5.37 6.44
C ARG A 971 -42.19 -6.63 6.19
N CYS A 972 -41.83 -7.36 5.14
CA CYS A 972 -42.60 -8.51 4.64
C CYS A 972 -42.03 -9.85 5.11
N LEU A 973 -40.74 -10.04 4.83
CA LEU A 973 -40.03 -11.29 5.13
C LEU A 973 -39.53 -11.39 6.59
N GLY A 974 -39.69 -10.31 7.36
CA GLY A 974 -39.12 -10.19 8.71
C GLY A 974 -39.55 -11.24 9.72
N PRO A 975 -38.79 -11.37 10.83
CA PRO A 975 -39.07 -12.41 11.83
C PRO A 975 -40.28 -12.10 12.72
N GLN A 976 -40.88 -13.16 13.24
CA GLN A 976 -42.11 -13.10 14.04
C GLN A 976 -41.77 -13.41 15.51
N GLY A 977 -42.69 -14.06 16.23
CA GLY A 977 -42.45 -14.47 17.62
C GLY A 977 -41.28 -15.43 17.75
N THR A 978 -40.09 -14.86 17.94
CA THR A 978 -38.85 -15.58 18.29
C THR A 978 -38.57 -16.83 17.42
N CYS A 979 -38.74 -16.67 16.11
CA CYS A 979 -38.59 -17.77 15.14
C CYS A 979 -37.13 -17.89 14.67
N GLY A 980 -36.37 -18.77 15.32
CA GLY A 980 -34.98 -19.07 14.95
C GLY A 980 -33.97 -18.87 16.09
N GLN A 981 -34.37 -18.16 17.14
CA GLN A 981 -33.52 -17.93 18.33
C GLN A 981 -33.27 -19.24 19.08
N ILE A 982 -32.00 -19.50 19.41
CA ILE A 982 -31.57 -20.73 20.11
C ILE A 982 -30.87 -20.35 21.44
N PRO A 983 -31.22 -21.03 22.56
CA PRO A 983 -30.58 -20.73 23.85
C PRO A 983 -29.19 -21.35 23.97
CAA Y01 B . -13.12 -8.52 -1.61
CBA Y01 B . -12.78 -9.09 -3.00
CAB Y01 B . -13.83 -8.73 -4.05
CAN Y01 B . -11.38 -8.59 -3.40
CAJ Y01 B . -10.81 -9.30 -4.64
CAO Y01 B . -9.59 -8.51 -5.13
CBB Y01 B . -8.39 -9.37 -5.58
CAC Y01 B . -7.80 -10.08 -4.35
CBE Y01 B . -8.73 -10.36 -6.74
CAP Y01 B . -9.30 -9.56 -7.96
CAQ Y01 B . -8.55 -10.04 -9.24
CBG Y01 B . -8.14 -11.46 -8.81
CBI Y01 B . -7.60 -11.23 -7.35
CAE Y01 B . -6.21 -10.55 -7.31
CAU Y01 B . -7.49 -12.66 -6.80
CAS Y01 B . -6.61 -13.60 -7.65
CBF Y01 B . -6.90 -13.59 -9.15
CBD Y01 B . -7.12 -12.17 -9.72
CAK Y01 B . -7.75 -12.30 -11.13
CAI Y01 B . -7.02 -13.32 -11.96
CAZ Y01 B . -6.25 -14.26 -11.48
CAV Y01 B . -5.57 -15.22 -12.46
CBH Y01 B . -5.89 -14.38 -10.02
CAD Y01 B . -4.45 -13.83 -9.86
CAT Y01 B . -5.90 -15.86 -9.59
CAR Y01 B . -5.20 -16.81 -10.58
CBC Y01 B . -5.80 -16.66 -11.98
OAW Y01 B . -5.10 -17.52 -12.93
CAY Y01 B . -5.58 -18.73 -13.26
OAG Y01 B . -6.77 -18.95 -13.37
CAM Y01 B . -4.57 -19.82 -13.50
CAL Y01 B . -4.90 -20.71 -14.71
CAX Y01 B . -4.69 -19.96 -16.00
OAH Y01 B . -5.67 -19.18 -16.50
OAF Y01 B . -3.64 -20.06 -16.60
CAA Y01 C . -26.63 14.85 0.04
CBA Y01 C . -25.96 13.75 0.90
CAB Y01 C . -24.65 14.23 1.53
CAN Y01 C . -25.77 12.44 0.13
CAJ Y01 C . -24.91 12.56 -1.14
CAO Y01 C . -23.61 11.73 -1.06
CBB Y01 C . -22.52 12.33 -1.98
CAC Y01 C . -22.02 13.66 -1.38
CBE Y01 C . -21.36 11.31 -2.24
CAP Y01 C . -21.92 10.04 -2.93
CAQ Y01 C . -20.92 9.58 -4.01
CBG Y01 C . -19.64 10.34 -3.66
CBI Y01 C . -20.17 11.72 -3.16
CAE Y01 C . -20.62 12.67 -4.31
CAU Y01 C . -18.95 12.31 -2.44
CAS Y01 C . -17.72 12.47 -3.35
CBF Y01 C . -17.37 11.27 -4.24
CBD Y01 C . -18.61 10.50 -4.78
CAK Y01 C . -18.10 9.13 -5.23
CAI Y01 C . -16.96 9.30 -6.20
CAZ Y01 C . -16.23 10.38 -6.30
CAV Y01 C . -15.22 10.49 -7.44
CBH Y01 C . -16.42 11.58 -5.41
CAD Y01 C . -16.98 12.75 -6.28
CAT Y01 C . -15.04 11.95 -4.86
CAR Y01 C . -13.98 12.19 -5.94
CBC Y01 C . -13.88 11.11 -7.02
OAW Y01 C . -13.33 11.72 -8.23
CAY Y01 C . -12.06 11.46 -8.60
OAG Y01 C . -11.84 10.74 -9.54
CAM Y01 C . -10.95 12.10 -7.82
CAL Y01 C . -9.76 11.16 -7.57
CAX Y01 C . -8.65 11.43 -8.55
OAH Y01 C . -8.87 11.33 -9.87
OAF Y01 C . -7.55 11.74 -8.14
CAA Y01 D . -30.02 6.30 18.57
CBA Y01 D . -31.26 5.90 19.30
CAB Y01 D . -31.41 6.78 20.52
CAN Y01 D . -31.24 4.37 19.50
CAJ Y01 D . -29.88 3.66 19.64
CAO Y01 D . -30.04 2.46 20.56
CBB Y01 D . -30.26 2.73 22.06
CAC Y01 D . -30.29 4.22 22.48
CBE Y01 D . -31.57 2.05 22.54
CAP Y01 D . -31.68 0.57 22.05
CAQ Y01 D . -32.63 -0.14 23.05
CBG Y01 D . -33.05 0.99 24.01
CBI Y01 D . -31.79 1.90 24.05
CAE Y01 D . -30.56 1.25 24.76
CAU Y01 D . -32.23 3.17 24.77
CAS Y01 D . -32.76 2.89 26.19
CBF Y01 D . -33.79 1.75 26.29
CBD Y01 D . -33.47 0.52 25.40
CAK Y01 D . -34.76 -0.31 25.28
CAI Y01 D . -35.38 -0.53 26.65
CAZ Y01 D . -35.09 0.18 27.71
CAV Y01 D . -35.70 -0.22 29.05
CBH Y01 D . -34.08 1.31 27.73
CAD Y01 D . -32.80 0.80 28.44
CAT Y01 D . -34.68 2.50 28.51
CAR Y01 D . -35.24 2.11 29.89
CBC Y01 D . -36.27 0.99 29.78
OAW Y01 D . -36.63 0.57 31.12
CAY Y01 D . -37.80 -0.07 31.29
OAG Y01 D . -37.82 -1.28 31.36
CAM Y01 D . -39.05 0.77 31.38
CAL Y01 D . -40.29 0.08 30.82
CAX Y01 D . -41.52 0.87 31.16
OAH Y01 D . -41.90 1.00 32.45
OAF Y01 D . -42.17 1.38 30.29
CAA Y01 E . -29.34 4.89 -3.21
CBA Y01 E . -27.93 5.11 -2.65
CAB Y01 E . -27.90 5.02 -1.11
CAN Y01 E . -27.38 6.47 -3.13
CAJ Y01 E . -25.86 6.60 -2.97
CAO Y01 E . -25.12 5.67 -3.95
CBB Y01 E . -23.74 6.21 -4.41
CAC Y01 E . -22.80 6.39 -3.21
CBE Y01 E . -23.08 5.32 -5.53
CAP Y01 E . -24.11 4.56 -6.42
CAQ Y01 E . -23.44 4.33 -7.80
CBG Y01 E . -22.03 4.92 -7.66
CBI Y01 E . -22.20 6.04 -6.58
CAE Y01 E . -22.88 7.32 -7.13
CAU Y01 E . -20.77 6.32 -6.14
CAS Y01 E . -19.83 6.73 -7.31
CBF Y01 E . -19.97 5.94 -8.64
CBD Y01 E . -21.40 5.48 -8.94
CAK Y01 E . -21.31 4.36 -10.01
CAI Y01 E . -20.55 4.88 -11.19
CAZ Y01 E . -19.73 5.91 -11.14
CAV Y01 E . -19.11 6.40 -12.46
CBH Y01 E . -19.38 6.64 -9.88
CAD Y01 E . -19.90 8.10 -10.01
CAT Y01 E . -17.84 6.66 -9.77
CAR Y01 E . -17.17 7.17 -11.06
CBC Y01 E . -17.60 6.47 -12.33
OAW Y01 E . -17.03 7.22 -13.44
CAY Y01 E . -17.06 6.72 -14.69
OAG Y01 E . -17.38 5.59 -14.94
CAM Y01 E . -16.64 7.66 -15.79
CAL Y01 E . -17.57 7.59 -17.01
CAX Y01 E . -17.09 6.61 -18.04
OAH Y01 E . -17.25 6.91 -19.34
OAF Y01 E . -16.56 5.56 -17.75
CAA Y01 F . -1.38 14.70 12.41
CBA Y01 F . -1.08 13.91 11.13
CAB Y01 F . -1.40 12.42 11.26
CAN Y01 F . 0.36 14.16 10.64
CAJ Y01 F . 1.48 13.67 11.58
CAO Y01 F . 2.18 14.77 12.40
CBB Y01 F . 3.66 14.46 12.75
CAC Y01 F . 3.73 13.15 13.58
CBE Y01 F . 4.69 14.41 11.56
CAP Y01 F . 4.20 15.11 10.25
CAQ Y01 F . 5.38 15.90 9.65
CBG Y01 F . 6.60 15.26 10.32
CBI Y01 F . 6.09 15.06 11.80
CAE Y01 F . 6.01 16.41 12.58
CAU Y01 F . 7.12 14.14 12.43
CAS Y01 F . 8.57 14.70 12.35
CBF Y01 F . 9.01 15.24 10.97
CBD Y01 F . 7.90 16.05 10.26
CAK Y01 F . 8.31 16.22 8.77
CAI Y01 F . 9.72 16.75 8.69
CAZ Y01 F . 10.64 16.54 9.60
CAV Y01 F . 12.07 16.99 9.29
CBH Y01 F . 10.33 16.03 10.98
CAD Y01 F . 10.28 17.26 11.92
CAT Y01 F . 11.46 15.09 11.48
CAR Y01 F . 12.89 15.61 11.18
CBC Y01 F . 13.02 15.86 9.68
OAW Y01 F . 14.37 16.29 9.36
CAY Y01 F . 15.12 15.60 8.49
OAG Y01 F . 14.65 15.01 7.54
CAM Y01 F . 16.62 15.61 8.71
CAL Y01 F . 17.28 16.88 8.16
CAX Y01 F . 16.78 17.26 6.79
OAH Y01 F . 16.87 16.39 5.78
OAF Y01 F . 16.29 18.35 6.61
C1 NAG G . 20.11 -35.54 -26.79
C2 NAG G . 20.74 -36.88 -26.41
C3 NAG G . 21.93 -37.18 -27.33
C4 NAG G . 21.51 -37.11 -28.81
C5 NAG G . 20.82 -35.76 -29.08
C6 NAG G . 20.30 -35.70 -30.52
C7 NAG G . 20.58 -37.34 -23.97
C8 NAG G . 21.23 -37.20 -22.61
N2 NAG G . 21.25 -36.82 -25.03
O1 NAG G . 18.97 -35.22 -25.96
O3 NAG G . 22.42 -38.50 -27.05
O4 NAG G . 22.67 -37.25 -29.63
O5 NAG G . 19.73 -35.59 -28.17
O6 NAG G . 19.63 -34.47 -30.73
O7 NAG G . 19.52 -37.90 -24.06
#